data_1P1Y
# 
_entry.id   1P1Y 
# 
_audit_conform.dict_name       mmcif_pdbx.dic 
_audit_conform.dict_version    5.386 
_audit_conform.dict_location   http://mmcif.pdb.org/dictionaries/ascii/mmcif_pdbx.dic 
# 
loop_
_database_2.database_id 
_database_2.database_code 
_database_2.pdbx_database_accession 
_database_2.pdbx_DOI 
PDB   1P1Y         pdb_00001p1y 10.2210/pdb1p1y/pdb 
NDB   UD0031       ?            ?                   
RCSB  RCSB018912   ?            ?                   
WWPDB D_1000018912 ?            ?                   
# 
loop_
_pdbx_audit_revision_history.ordinal 
_pdbx_audit_revision_history.data_content_type 
_pdbx_audit_revision_history.major_revision 
_pdbx_audit_revision_history.minor_revision 
_pdbx_audit_revision_history.revision_date 
1 'Structure model' 1 0 2004-06-01 
2 'Structure model' 1 1 2008-04-29 
3 'Structure model' 1 2 2011-07-13 
4 'Structure model' 1 3 2011-11-02 
5 'Structure model' 1 4 2024-02-14 
# 
_pdbx_audit_revision_details.ordinal             1 
_pdbx_audit_revision_details.revision_ordinal    1 
_pdbx_audit_revision_details.data_content_type   'Structure model' 
_pdbx_audit_revision_details.provider            repository 
_pdbx_audit_revision_details.type                'Initial release' 
_pdbx_audit_revision_details.description         ? 
_pdbx_audit_revision_details.details             ? 
# 
loop_
_pdbx_audit_revision_group.ordinal 
_pdbx_audit_revision_group.revision_ordinal 
_pdbx_audit_revision_group.data_content_type 
_pdbx_audit_revision_group.group 
1 2 'Structure model' 'Version format compliance' 
2 3 'Structure model' 'Version format compliance' 
3 4 'Structure model' 'Non-polymer description'   
4 5 'Structure model' 'Data collection'           
5 5 'Structure model' 'Database references'       
6 5 'Structure model' 'Derived calculations'      
# 
loop_
_pdbx_audit_revision_category.ordinal 
_pdbx_audit_revision_category.revision_ordinal 
_pdbx_audit_revision_category.data_content_type 
_pdbx_audit_revision_category.category 
1 5 'Structure model' chem_comp_atom         
2 5 'Structure model' chem_comp_bond         
3 5 'Structure model' database_2             
4 5 'Structure model' pdbx_struct_conn_angle 
5 5 'Structure model' struct_conn            
6 5 'Structure model' struct_conn_type       
7 5 'Structure model' struct_site            
# 
loop_
_pdbx_audit_revision_item.ordinal 
_pdbx_audit_revision_item.revision_ordinal 
_pdbx_audit_revision_item.data_content_type 
_pdbx_audit_revision_item.item 
1  5 'Structure model' '_database_2.pdbx_DOI'                      
2  5 'Structure model' '_database_2.pdbx_database_accession'       
3  5 'Structure model' '_pdbx_struct_conn_angle.ptnr1_auth_seq_id' 
4  5 'Structure model' '_pdbx_struct_conn_angle.ptnr3_auth_seq_id' 
5  5 'Structure model' '_pdbx_struct_conn_angle.value'             
6  5 'Structure model' '_struct_conn.conn_type_id'                 
7  5 'Structure model' '_struct_conn.id'                           
8  5 'Structure model' '_struct_conn.pdbx_dist_value'              
9  5 'Structure model' '_struct_conn.pdbx_leaving_atom_flag'       
10 5 'Structure model' '_struct_conn.ptnr1_auth_comp_id'           
11 5 'Structure model' '_struct_conn.ptnr1_auth_seq_id'            
12 5 'Structure model' '_struct_conn.ptnr1_label_asym_id'          
13 5 'Structure model' '_struct_conn.ptnr1_label_atom_id'          
14 5 'Structure model' '_struct_conn.ptnr1_label_comp_id'          
15 5 'Structure model' '_struct_conn.ptnr1_label_seq_id'           
16 5 'Structure model' '_struct_conn.ptnr2_auth_comp_id'           
17 5 'Structure model' '_struct_conn.ptnr2_auth_seq_id'            
18 5 'Structure model' '_struct_conn.ptnr2_label_asym_id'          
19 5 'Structure model' '_struct_conn.ptnr2_label_atom_id'          
20 5 'Structure model' '_struct_conn.ptnr2_label_comp_id'          
21 5 'Structure model' '_struct_conn.ptnr2_label_seq_id'           
22 5 'Structure model' '_struct_conn_type.id'                      
23 5 'Structure model' '_struct_site.pdbx_auth_asym_id'            
24 5 'Structure model' '_struct_site.pdbx_auth_comp_id'            
25 5 'Structure model' '_struct_site.pdbx_auth_seq_id'             
# 
_pdbx_database_status.status_code                     REL 
_pdbx_database_status.entry_id                        1P1Y 
_pdbx_database_status.recvd_initial_deposition_date   2003-04-14 
_pdbx_database_status.deposit_site                    RCSB 
_pdbx_database_status.process_site                    RCSB 
_pdbx_database_status.status_code_sf                  REL 
_pdbx_database_status.SG_entry                        . 
_pdbx_database_status.status_code_mr                  ? 
_pdbx_database_status.status_code_cs                  ? 
_pdbx_database_status.pdb_format_compatible           Y 
_pdbx_database_status.status_code_nmr_data            ? 
_pdbx_database_status.methods_development_category    ? 
# 
loop_
_audit_author.name 
_audit_author.pdbx_ordinal 
'Paukstelis, P.J.' 1 
'Nowakowski, J.'   2 
'Birktoft, J.J.'   3 
'Seeman, N.C.'     4 
# 
_citation.id                        primary 
_citation.title                     'Crystal structure of a continuous three-dimensional DNA lattice.' 
_citation.journal_abbrev            Chem.Biol. 
_citation.journal_volume            11 
_citation.page_first                1119 
_citation.page_last                 1126 
_citation.year                      2004 
_citation.journal_id_ASTM           CBOLE2 
_citation.country                   UK 
_citation.journal_id_ISSN           1074-5521 
_citation.journal_id_CSD            2050 
_citation.book_publisher            ? 
_citation.pdbx_database_id_PubMed   15324813 
_citation.pdbx_database_id_DOI      10.1016/j.chembiol.2004.05.021 
# 
loop_
_citation_author.citation_id 
_citation_author.name 
_citation_author.ordinal 
_citation_author.identifier_ORCID 
primary 'Paukstelis, P.J.' 1 ? 
primary 'Nowakowski, J.'   2 ? 
primary 'Birktoft, J.J.'   3 ? 
primary 'Seeman, N.C.'     4 ? 
# 
loop_
_entity.id 
_entity.type 
_entity.src_method 
_entity.pdbx_description 
_entity.formula_weight 
_entity.pdbx_number_of_molecules 
_entity.pdbx_ec 
_entity.pdbx_mutation 
_entity.pdbx_fragment 
_entity.details 
1 polymer     syn "5'-D(*GP*GP*AP*(CBR)P*AP*GP*AP*(BRU)P*GP*GP*GP*AP*G)-3'" 4249.451 1  ? ? ? ? 
2 non-polymer syn 'MAGNESIUM ION'                                           24.305   1  ? ? ? ? 
3 water       nat water                                                     18.015   23 ? ? ? ? 
# 
_entity_poly.entity_id                      1 
_entity_poly.type                           polydeoxyribonucleotide 
_entity_poly.nstd_linkage                   no 
_entity_poly.nstd_monomer                   yes 
_entity_poly.pdbx_seq_one_letter_code       '(DG)(DG)(DA)(CBR)(DA)(DG)(DA)(BRU)(DG)(DG)(DG)(DA)(DG)' 
_entity_poly.pdbx_seq_one_letter_code_can   GGACAGAUGGGAG 
_entity_poly.pdbx_strand_id                 X 
_entity_poly.pdbx_target_identifier         ? 
# 
loop_
_pdbx_entity_nonpoly.entity_id 
_pdbx_entity_nonpoly.name 
_pdbx_entity_nonpoly.comp_id 
2 'MAGNESIUM ION' MG  
3 water           HOH 
# 
loop_
_entity_poly_seq.entity_id 
_entity_poly_seq.num 
_entity_poly_seq.mon_id 
_entity_poly_seq.hetero 
1 1  DG  n 
1 2  DG  n 
1 3  DA  n 
1 4  CBR n 
1 5  DA  n 
1 6  DG  n 
1 7  DA  n 
1 8  BRU n 
1 9  DG  n 
1 10 DG  n 
1 11 DG  n 
1 12 DA  n 
1 13 DG  n 
# 
loop_
_chem_comp.id 
_chem_comp.type 
_chem_comp.mon_nstd_flag 
_chem_comp.name 
_chem_comp.pdbx_synonyms 
_chem_comp.formula 
_chem_comp.formula_weight 
BRU 'DNA linking' n "5-BROMO-2'-DEOXYURIDINE-5'-MONOPHOSPHATE"   ? 'C9 H12 Br N2 O8 P' 387.078 
CBR 'DNA linking' n "5-BROMO-2'-DEOXY-CYTIDINE-5'-MONOPHOSPHATE" ? 'C9 H13 Br N3 O7 P' 386.093 
DA  'DNA linking' y "2'-DEOXYADENOSINE-5'-MONOPHOSPHATE"         ? 'C10 H14 N5 O6 P'   331.222 
DG  'DNA linking' y "2'-DEOXYGUANOSINE-5'-MONOPHOSPHATE"         ? 'C10 H14 N5 O7 P'   347.221 
HOH non-polymer   . WATER                                        ? 'H2 O'              18.015  
MG  non-polymer   . 'MAGNESIUM ION'                              ? 'Mg 2'              24.305  
# 
loop_
_pdbx_poly_seq_scheme.asym_id 
_pdbx_poly_seq_scheme.entity_id 
_pdbx_poly_seq_scheme.seq_id 
_pdbx_poly_seq_scheme.mon_id 
_pdbx_poly_seq_scheme.ndb_seq_num 
_pdbx_poly_seq_scheme.pdb_seq_num 
_pdbx_poly_seq_scheme.auth_seq_num 
_pdbx_poly_seq_scheme.pdb_mon_id 
_pdbx_poly_seq_scheme.auth_mon_id 
_pdbx_poly_seq_scheme.pdb_strand_id 
_pdbx_poly_seq_scheme.pdb_ins_code 
_pdbx_poly_seq_scheme.hetero 
A 1 1  DG  1  1  1  DG  G   X . n 
A 1 2  DG  2  2  2  DG  G   X . n 
A 1 3  DA  3  3  3  DA  A   X . n 
A 1 4  CBR 4  4  4  CBR CBR X . n 
A 1 5  DA  5  5  5  DA  A   X . n 
A 1 6  DG  6  6  6  DG  G   X . n 
A 1 7  DA  7  7  7  DA  A   X . n 
A 1 8  BRU 8  8  8  BRU BRU X . n 
A 1 9  DG  9  9  9  DG  G   X . n 
A 1 10 DG  10 10 10 DG  G   X . n 
A 1 11 DG  11 11 11 DG  G   X . n 
A 1 12 DA  12 12 12 DA  A   X . n 
A 1 13 DG  13 13 13 DG  G   X . n 
# 
loop_
_pdbx_nonpoly_scheme.asym_id 
_pdbx_nonpoly_scheme.entity_id 
_pdbx_nonpoly_scheme.mon_id 
_pdbx_nonpoly_scheme.ndb_seq_num 
_pdbx_nonpoly_scheme.pdb_seq_num 
_pdbx_nonpoly_scheme.auth_seq_num 
_pdbx_nonpoly_scheme.pdb_mon_id 
_pdbx_nonpoly_scheme.auth_mon_id 
_pdbx_nonpoly_scheme.pdb_strand_id 
_pdbx_nonpoly_scheme.pdb_ins_code 
B 2 MG  1  51 51 MG  MO4 X . 
C 3 HOH 1  52 1  HOH HOH X . 
C 3 HOH 2  53 2  HOH HOH X . 
C 3 HOH 3  54 3  HOH HOH X . 
C 3 HOH 4  55 4  HOH HOH X . 
C 3 HOH 5  56 5  HOH HOH X . 
C 3 HOH 6  57 6  HOH HOH X . 
C 3 HOH 7  58 7  HOH HOH X . 
C 3 HOH 8  59 8  HOH HOH X . 
C 3 HOH 9  60 9  HOH HOH X . 
C 3 HOH 10 61 11 HOH HOH X . 
C 3 HOH 11 62 13 HOH HOH X . 
C 3 HOH 12 63 14 HOH HOH X . 
C 3 HOH 13 64 15 HOH HOH X . 
C 3 HOH 14 65 20 HOH HOH X . 
C 3 HOH 15 66 22 HOH HOH X . 
C 3 HOH 16 67 23 HOH HOH X . 
C 3 HOH 17 68 25 HOH HOH X . 
C 3 HOH 18 69 26 HOH HOH X . 
C 3 HOH 19 70 27 HOH HOH X . 
C 3 HOH 20 71 51 HOH MO4 X . 
C 3 HOH 21 72 51 HOH MO4 X . 
C 3 HOH 22 73 51 HOH MO4 X . 
C 3 HOH 23 74 51 HOH MO4 X . 
# 
loop_
_pdbx_unobs_or_zero_occ_atoms.id 
_pdbx_unobs_or_zero_occ_atoms.PDB_model_num 
_pdbx_unobs_or_zero_occ_atoms.polymer_flag 
_pdbx_unobs_or_zero_occ_atoms.occupancy_flag 
_pdbx_unobs_or_zero_occ_atoms.auth_asym_id 
_pdbx_unobs_or_zero_occ_atoms.auth_comp_id 
_pdbx_unobs_or_zero_occ_atoms.auth_seq_id 
_pdbx_unobs_or_zero_occ_atoms.PDB_ins_code 
_pdbx_unobs_or_zero_occ_atoms.auth_atom_id 
_pdbx_unobs_or_zero_occ_atoms.label_alt_id 
_pdbx_unobs_or_zero_occ_atoms.label_asym_id 
_pdbx_unobs_or_zero_occ_atoms.label_comp_id 
_pdbx_unobs_or_zero_occ_atoms.label_seq_id 
_pdbx_unobs_or_zero_occ_atoms.label_atom_id 
1  1 Y 1 X DG 13 ? "C5'" ? A DG 13 "C5'" 
2  1 Y 1 X DG 13 ? "C4'" ? A DG 13 "C4'" 
3  1 Y 1 X DG 13 ? "O4'" ? A DG 13 "O4'" 
4  1 Y 1 X DG 13 ? "C3'" ? A DG 13 "C3'" 
5  1 Y 1 X DG 13 ? "O3'" ? A DG 13 "O3'" 
6  1 Y 1 X DG 13 ? "C2'" ? A DG 13 "C2'" 
7  1 Y 1 X DG 13 ? "C1'" ? A DG 13 "C1'" 
8  1 Y 1 X DG 13 ? N9    ? A DG 13 N9    
9  1 Y 1 X DG 13 ? C8    ? A DG 13 C8    
10 1 Y 1 X DG 13 ? N7    ? A DG 13 N7    
11 1 Y 1 X DG 13 ? C5    ? A DG 13 C5    
12 1 Y 1 X DG 13 ? C6    ? A DG 13 C6    
13 1 Y 1 X DG 13 ? O6    ? A DG 13 O6    
14 1 Y 1 X DG 13 ? N1    ? A DG 13 N1    
15 1 Y 1 X DG 13 ? C2    ? A DG 13 C2    
16 1 Y 1 X DG 13 ? N2    ? A DG 13 N2    
17 1 Y 1 X DG 13 ? N3    ? A DG 13 N3    
18 1 Y 1 X DG 13 ? C4    ? A DG 13 C4    
# 
loop_
_software.name 
_software.classification 
_software.version 
_software.citation_id 
_software.pdbx_ordinal 
REFMAC    refinement       5.1.24 ? 1 
HKL-2000  'data reduction' .      ? 2 
SCALEPACK 'data scaling'   .      ? 3 
CNS       phasing          .      ? 4 
# 
_cell.entry_id           1P1Y 
_cell.length_a           40.630 
_cell.length_b           40.630 
_cell.length_c           55.270 
_cell.angle_alpha        90.00 
_cell.angle_beta         90.00 
_cell.angle_gamma        120.00 
_cell.Z_PDB              6 
_cell.pdbx_unique_axis   ? 
# 
_symmetry.entry_id                         1P1Y 
_symmetry.space_group_name_H-M             'P 64' 
_symmetry.pdbx_full_space_group_name_H-M   ? 
_symmetry.cell_setting                     ? 
_symmetry.Int_Tables_number                172 
_symmetry.space_group_name_Hall            ? 
# 
_exptl.entry_id          1P1Y 
_exptl.method            'X-RAY DIFFRACTION' 
_exptl.crystals_number   1 
# 
_exptl_crystal.id                    1 
_exptl_crystal.density_meas          ? 
_exptl_crystal.density_Matthews      2.97 
_exptl_crystal.density_percent_sol   58.52 
_exptl_crystal.description           ? 
_exptl_crystal.F_000                 ? 
_exptl_crystal.preparation           ? 
# 
_exptl_crystal_grow.crystal_id      1 
_exptl_crystal_grow.method          'VAPOR DIFFUSION, SITTING DROP' 
_exptl_crystal_grow.temp            295.5 
_exptl_crystal_grow.temp_details    ? 
_exptl_crystal_grow.pH              ? 
_exptl_crystal_grow.pdbx_details    'magnesium formate, mpd, lithium chloride, VAPOR DIFFUSION, SITTING DROP, temperature 295.5K' 
_exptl_crystal_grow.pdbx_pH_range   . 
# 
loop_
_exptl_crystal_grow_comp.crystal_id 
_exptl_crystal_grow_comp.id 
_exptl_crystal_grow_comp.sol_id 
_exptl_crystal_grow_comp.name 
_exptl_crystal_grow_comp.volume 
_exptl_crystal_grow_comp.conc 
_exptl_crystal_grow_comp.details 
1 1 1 'magnesium formate' ? ? ? 
1 2 1 mpd                 ? ? ? 
1 3 1 LiCl                ? ? ? 
1 4 2 mpd                 ? ? ? 
1 5 2 LiCl                ? ? ? 
# 
_diffrn.id                     1 
_diffrn.ambient_temp           100 
_diffrn.ambient_temp_details   ? 
_diffrn.crystal_id             1 
# 
_diffrn_detector.diffrn_id              1 
_diffrn_detector.detector               CCD 
_diffrn_detector.type                   'ADSC QUANTUM 4' 
_diffrn_detector.pdbx_collection_date   2002-08-04 
_diffrn_detector.details                ? 
# 
_diffrn_radiation.diffrn_id                        1 
_diffrn_radiation.wavelength_id                    1 
_diffrn_radiation.pdbx_monochromatic_or_laue_m_l   M 
_diffrn_radiation.monochromator                    ? 
_diffrn_radiation.pdbx_diffrn_protocol             'SINGLE WAVELENGTH' 
_diffrn_radiation.pdbx_scattering_type             x-ray 
# 
_diffrn_radiation_wavelength.id           1 
_diffrn_radiation_wavelength.wavelength   0.92002 
_diffrn_radiation_wavelength.wt           1.0 
# 
_diffrn_source.diffrn_id                   1 
_diffrn_source.source                      SYNCHROTRON 
_diffrn_source.type                        'NSLS BEAMLINE X8C' 
_diffrn_source.pdbx_synchrotron_site       NSLS 
_diffrn_source.pdbx_synchrotron_beamline   X8C 
_diffrn_source.pdbx_wavelength             ? 
_diffrn_source.pdbx_wavelength_list        0.92002 
# 
_reflns.entry_id                     1P1Y 
_reflns.observed_criterion_sigma_F   ? 
_reflns.observed_criterion_sigma_I   0 
_reflns.d_resolution_high            1.8 
_reflns.d_resolution_low             50 
_reflns.number_all                   5957 
_reflns.number_obs                   3066 
_reflns.percent_possible_obs         99 
_reflns.pdbx_Rmerge_I_obs            0.071 
_reflns.pdbx_Rsym_value              0.071 
_reflns.pdbx_netI_over_sigmaI        20.7 
_reflns.B_iso_Wilson_estimate        ? 
_reflns.pdbx_redundancy              ? 
_reflns.R_free_details               ? 
_reflns.pdbx_chi_squared             ? 
_reflns.pdbx_scaling_rejects         ? 
_reflns.pdbx_ordinal                 1 
_reflns.pdbx_diffrn_id               1 
# 
_reflns_shell.d_res_high             2.10 
_reflns_shell.d_res_low              2.18 
_reflns_shell.percent_possible_all   99.4 
_reflns_shell.Rmerge_I_obs           0.22 
_reflns_shell.pdbx_Rsym_value        ? 
_reflns_shell.meanI_over_sigI_obs    13.76 
_reflns_shell.pdbx_redundancy        ? 
_reflns_shell.percent_possible_obs   ? 
_reflns_shell.number_unique_all      307 
_reflns_shell.number_measured_all    ? 
_reflns_shell.number_measured_obs    ? 
_reflns_shell.number_unique_obs      ? 
_reflns_shell.pdbx_chi_squared       ? 
_reflns_shell.pdbx_ordinal           1 
_reflns_shell.pdbx_diffrn_id         1 
# 
_refine.entry_id                                 1P1Y 
_refine.ls_number_reflns_obs                     2870 
_refine.ls_number_reflns_all                     2907 
_refine.pdbx_ls_sigma_I                          ? 
_refine.pdbx_ls_sigma_F                          2 
_refine.pdbx_data_cutoff_high_absF               ? 
_refine.pdbx_data_cutoff_low_absF                ? 
_refine.pdbx_data_cutoff_high_rms_absF           ? 
_refine.ls_d_res_low                             35.14 
_refine.ls_d_res_high                            2.10 
_refine.ls_percent_reflns_obs                    98.70 
_refine.ls_R_factor_obs                          0.20485 
_refine.ls_R_factor_all                          0.20485 
_refine.ls_R_factor_R_work                       0.20332 
_refine.ls_R_factor_R_free                       0.23256 
_refine.ls_R_factor_R_free_error                 ? 
_refine.ls_R_factor_R_free_error_details         ? 
_refine.ls_percent_reflns_R_free                 5.3 
_refine.ls_number_reflns_R_free                  161 
_refine.ls_number_parameters                     ? 
_refine.ls_number_restraints                     ? 
_refine.occupancy_min                            ? 
_refine.occupancy_max                            ? 
_refine.correlation_coeff_Fo_to_Fc               0.956 
_refine.correlation_coeff_Fo_to_Fc_free          0.940 
_refine.B_iso_mean                               39.727 
_refine.aniso_B[1][1]                            -1.50 
_refine.aniso_B[2][2]                            -1.50 
_refine.aniso_B[3][3]                            2.24 
_refine.aniso_B[1][2]                            -0.75 
_refine.aniso_B[1][3]                            0.00 
_refine.aniso_B[2][3]                            0.00 
_refine.solvent_model_details                    'BABINET MODEL WITH MASK' 
_refine.solvent_model_param_ksol                 ? 
_refine.solvent_model_param_bsol                 ? 
_refine.pdbx_solvent_vdw_probe_radii             1.40 
_refine.pdbx_solvent_ion_probe_radii             0.80 
_refine.pdbx_solvent_shrinkage_radii             0.80 
_refine.pdbx_ls_cross_valid_method               THROUGHOUT 
_refine.details                                  ? 
_refine.pdbx_starting_model                      ? 
_refine.pdbx_method_to_determine_struct          SAD 
_refine.pdbx_isotropic_thermal_model             ? 
_refine.pdbx_stereochemistry_target_values       'MAXIMUM LIKELIHOOD WITH PHASES' 
_refine.pdbx_stereochem_target_val_spec_case     ? 
_refine.pdbx_R_Free_selection_details            RANDOM 
_refine.pdbx_overall_ESU_R                       0.163 
_refine.pdbx_overall_ESU_R_Free                  0.156 
_refine.overall_SU_ML                            0.096 
_refine.overall_SU_B                             3.627 
_refine.ls_redundancy_reflns_obs                 ? 
_refine.overall_SU_R_Cruickshank_DPI             ? 
_refine.overall_SU_R_free                        ? 
_refine.ls_wR_factor_R_free                      ? 
_refine.ls_wR_factor_R_work                      ? 
_refine.overall_FOM_free_R_set                   ? 
_refine.overall_FOM_work_R_set                   ? 
_refine.pdbx_refine_id                           'X-RAY DIFFRACTION' 
_refine.pdbx_diffrn_id                           1 
_refine.pdbx_TLS_residual_ADP_flag               ? 
_refine.pdbx_overall_phase_error                 ? 
_refine.pdbx_overall_SU_R_free_Cruickshank_DPI   ? 
_refine.pdbx_overall_SU_R_Blow_DPI               ? 
_refine.pdbx_overall_SU_R_free_Blow_DPI          ? 
# 
_refine_hist.pdbx_refine_id                   'X-RAY DIFFRACTION' 
_refine_hist.cycle_id                         LAST 
_refine_hist.pdbx_number_atoms_protein        0 
_refine_hist.pdbx_number_atoms_nucleic_acid   257 
_refine_hist.pdbx_number_atoms_ligand         1 
_refine_hist.number_atoms_solvent             23 
_refine_hist.number_atoms_total               281 
_refine_hist.d_res_high                       2.10 
_refine_hist.d_res_low                        35.14 
# 
loop_
_refine_ls_restr.type 
_refine_ls_restr.dev_ideal 
_refine_ls_restr.dev_ideal_target 
_refine_ls_restr.weight 
_refine_ls_restr.number 
_refine_ls_restr.pdbx_refine_id 
_refine_ls_restr.pdbx_restraint_function 
r_bond_refined_d         0.020 0.021 ? 292 'X-RAY DIFFRACTION' ? 
r_bond_other_d           ?     ?     ? ?   'X-RAY DIFFRACTION' ? 
r_angle_refined_deg      3.133 3.000 ? 451 'X-RAY DIFFRACTION' ? 
r_angle_other_deg        ?     ?     ? ?   'X-RAY DIFFRACTION' ? 
r_dihedral_angle_1_deg   ?     ?     ? ?   'X-RAY DIFFRACTION' ? 
r_dihedral_angle_2_deg   ?     ?     ? ?   'X-RAY DIFFRACTION' ? 
r_chiral_restr           0.120 0.200 ? 36  'X-RAY DIFFRACTION' ? 
r_gen_planes_refined     0.013 0.020 ? 142 'X-RAY DIFFRACTION' ? 
r_gen_planes_other       ?     ?     ? ?   'X-RAY DIFFRACTION' ? 
r_nbd_refined            0.381 0.200 ? 74  'X-RAY DIFFRACTION' ? 
r_nbd_other              ?     ?     ? ?   'X-RAY DIFFRACTION' ? 
r_nbtor_other            ?     ?     ? ?   'X-RAY DIFFRACTION' ? 
r_xyhbond_nbd_refined    0.187 0.200 ? 11  'X-RAY DIFFRACTION' ? 
r_xyhbond_nbd_other      ?     ?     ? ?   'X-RAY DIFFRACTION' ? 
r_symmetry_vdw_refined   0.113 0.200 ? 20  'X-RAY DIFFRACTION' ? 
r_symmetry_vdw_other     ?     ?     ? ?   'X-RAY DIFFRACTION' ? 
r_symmetry_hbond_refined 0.065 0.200 ? 5   'X-RAY DIFFRACTION' ? 
r_symmetry_hbond_other   ?     ?     ? ?   'X-RAY DIFFRACTION' ? 
r_mcbond_it              ?     ?     ? ?   'X-RAY DIFFRACTION' ? 
r_mcangle_it             ?     ?     ? ?   'X-RAY DIFFRACTION' ? 
r_scbond_it              ?     ?     ? ?   'X-RAY DIFFRACTION' ? 
r_scangle_it             ?     ?     ? ?   'X-RAY DIFFRACTION' ? 
r_rigid_bond_restr       ?     ?     ? ?   'X-RAY DIFFRACTION' ? 
r_sphericity_free        ?     ?     ? ?   'X-RAY DIFFRACTION' ? 
r_sphericity_bonded      ?     ?     ? ?   'X-RAY DIFFRACTION' ? 
# 
_refine_ls_shell.pdbx_total_number_of_bins_used   20 
_refine_ls_shell.d_res_high                       2.100 
_refine_ls_shell.d_res_low                        2.155 
_refine_ls_shell.number_reflns_R_work             217 
_refine_ls_shell.R_factor_R_work                  0.228 
_refine_ls_shell.percent_reflns_obs               ? 
_refine_ls_shell.R_factor_R_free                  0.258 
_refine_ls_shell.R_factor_R_free_error            ? 
_refine_ls_shell.percent_reflns_R_free            ? 
_refine_ls_shell.number_reflns_R_free             16 
_refine_ls_shell.redundancy_reflns_obs            ? 
_refine_ls_shell.pdbx_refine_id                   'X-RAY DIFFRACTION' 
_refine_ls_shell.number_reflns_all                ? 
_refine_ls_shell.R_factor_all                     ? 
# 
_struct.entry_id                  1P1Y 
_struct.title                     'Crystal structure of a continuous three-dimensional DNA lattice from d(GGACAGATGGGAG)' 
_struct.pdbx_model_details        ? 
_struct.pdbx_CASP_flag            ? 
_struct.pdbx_model_type_details   ? 
# 
_struct_keywords.entry_id        1P1Y 
_struct_keywords.pdbx_keywords   DNA 
_struct_keywords.text            'continuous three-dimensional dna lattice, parallel-stranded base pairs, DNA' 
# 
loop_
_struct_asym.id 
_struct_asym.pdbx_blank_PDB_chainid_flag 
_struct_asym.pdbx_modified 
_struct_asym.entity_id 
_struct_asym.details 
A N N 1 ? 
B N N 2 ? 
C N N 3 ? 
# 
_struct_ref.id                         1 
_struct_ref.entity_id                  1 
_struct_ref.db_name                    PDB 
_struct_ref.db_code                    1P1Y 
_struct_ref.pdbx_db_accession          1P1Y 
_struct_ref.pdbx_db_isoform            ? 
_struct_ref.pdbx_seq_one_letter_code   ? 
_struct_ref.pdbx_align_begin           ? 
# 
_struct_ref_seq.align_id                      1 
_struct_ref_seq.ref_id                        1 
_struct_ref_seq.pdbx_PDB_id_code              1P1Y 
_struct_ref_seq.pdbx_strand_id                X 
_struct_ref_seq.seq_align_beg                 1 
_struct_ref_seq.pdbx_seq_align_beg_ins_code   ? 
_struct_ref_seq.seq_align_end                 13 
_struct_ref_seq.pdbx_seq_align_end_ins_code   ? 
_struct_ref_seq.pdbx_db_accession             1P1Y 
_struct_ref_seq.db_align_beg                  1 
_struct_ref_seq.pdbx_db_align_beg_ins_code    ? 
_struct_ref_seq.db_align_end                  13 
_struct_ref_seq.pdbx_db_align_end_ins_code    ? 
_struct_ref_seq.pdbx_auth_seq_align_beg       1 
_struct_ref_seq.pdbx_auth_seq_align_end       13 
# 
_pdbx_struct_assembly.id                   1 
_pdbx_struct_assembly.details              author_defined_assembly 
_pdbx_struct_assembly.method_details       ? 
_pdbx_struct_assembly.oligomeric_details   dimeric 
_pdbx_struct_assembly.oligomeric_count     2 
# 
_pdbx_struct_assembly_gen.assembly_id       1 
_pdbx_struct_assembly_gen.oper_expression   1,2 
_pdbx_struct_assembly_gen.asym_id_list      A,B,C 
# 
loop_
_pdbx_struct_oper_list.id 
_pdbx_struct_oper_list.type 
_pdbx_struct_oper_list.name 
_pdbx_struct_oper_list.symmetry_operation 
_pdbx_struct_oper_list.matrix[1][1] 
_pdbx_struct_oper_list.matrix[1][2] 
_pdbx_struct_oper_list.matrix[1][3] 
_pdbx_struct_oper_list.vector[1] 
_pdbx_struct_oper_list.matrix[2][1] 
_pdbx_struct_oper_list.matrix[2][2] 
_pdbx_struct_oper_list.matrix[2][3] 
_pdbx_struct_oper_list.vector[2] 
_pdbx_struct_oper_list.matrix[3][1] 
_pdbx_struct_oper_list.matrix[3][2] 
_pdbx_struct_oper_list.matrix[3][3] 
_pdbx_struct_oper_list.vector[3] 
1 'identity operation'         1_555 x,y,z       1.0000000000 0.0000000000  0.0000000000 0.0000000000  0.0000000000  1.0000000000  0.0000000000  0.0000000000 0.0000000000 0.0000000000  1.0000000000  0.0000000000 
2 'crystal symmetry operation' 4_435 -x-1,-y-2,z 0.2263754938 -0.9032593613 0.3645225123 -1.2259401869 -0.9032593613 -0.3347245783 -0.2684808799 0.5228827426 0.3645225123 -0.2684808799 -0.8916509156 5.4201363919 
# 
_struct_biol.id                    1 
_struct_biol.pdbx_parent_biol_id   ? 
_struct_biol.details               ? 
# 
loop_
_struct_conn.id 
_struct_conn.conn_type_id 
_struct_conn.pdbx_leaving_atom_flag 
_struct_conn.pdbx_PDB_id 
_struct_conn.ptnr1_label_asym_id 
_struct_conn.ptnr1_label_comp_id 
_struct_conn.ptnr1_label_seq_id 
_struct_conn.ptnr1_label_atom_id 
_struct_conn.pdbx_ptnr1_label_alt_id 
_struct_conn.pdbx_ptnr1_PDB_ins_code 
_struct_conn.pdbx_ptnr1_standard_comp_id 
_struct_conn.ptnr1_symmetry 
_struct_conn.ptnr2_label_asym_id 
_struct_conn.ptnr2_label_comp_id 
_struct_conn.ptnr2_label_seq_id 
_struct_conn.ptnr2_label_atom_id 
_struct_conn.pdbx_ptnr2_label_alt_id 
_struct_conn.pdbx_ptnr2_PDB_ins_code 
_struct_conn.ptnr1_auth_asym_id 
_struct_conn.ptnr1_auth_comp_id 
_struct_conn.ptnr1_auth_seq_id 
_struct_conn.ptnr2_auth_asym_id 
_struct_conn.ptnr2_auth_comp_id 
_struct_conn.ptnr2_auth_seq_id 
_struct_conn.ptnr2_symmetry 
_struct_conn.pdbx_ptnr3_label_atom_id 
_struct_conn.pdbx_ptnr3_label_seq_id 
_struct_conn.pdbx_ptnr3_label_comp_id 
_struct_conn.pdbx_ptnr3_label_asym_id 
_struct_conn.pdbx_ptnr3_label_alt_id 
_struct_conn.pdbx_ptnr3_PDB_ins_code 
_struct_conn.details 
_struct_conn.pdbx_dist_value 
_struct_conn.pdbx_value_order 
_struct_conn.pdbx_role 
covale1 covale both ? A DA  3 "O3'" ? ? ? 1_555 A CBR 4  P  ? ? X DA  3  X CBR 4  1_555 ? ? ? ? ? ? ?           1.595 ? ? 
covale2 covale both ? A CBR 4 "O3'" ? ? ? 1_555 A DA  5  P  ? ? X CBR 4  X DA  5  1_555 ? ? ? ? ? ? ?           1.593 ? ? 
covale3 covale both ? A DA  7 "O3'" ? ? ? 1_555 A BRU 8  P  ? ? X DA  7  X BRU 8  1_555 ? ? ? ? ? ? ?           1.574 ? ? 
covale4 covale both ? A BRU 8 "O3'" ? ? ? 1_555 A DG  9  P  ? ? X BRU 8  X DG  9  1_555 ? ? ? ? ? ? ?           1.565 ? ? 
metalc1 metalc ?    ? B MG  . MG    ? ? ? 1_555 C HOH .  O  ? ? X MG  51 X HOH 71 1_555 ? ? ? ? ? ? ?           2.159 ? ? 
metalc2 metalc ?    ? B MG  . MG    ? ? ? 1_555 C HOH .  O  ? ? X MG  51 X HOH 72 1_555 ? ? ? ? ? ? ?           2.168 ? ? 
metalc3 metalc ?    ? B MG  . MG    ? ? ? 1_555 C HOH .  O  ? ? X MG  51 X HOH 73 1_555 ? ? ? ? ? ? ?           2.167 ? ? 
metalc4 metalc ?    ? B MG  . MG    ? ? ? 1_555 C HOH .  O  ? ? X MG  51 X HOH 74 1_555 ? ? ? ? ? ? ?           2.164 ? ? 
hydrog1 hydrog ?    ? A DG  1 N7    ? ? ? 1_555 A DG  10 N1 ? ? X DG  1  X DG  10 6_454 ? ? ? ? ? ? TYPE_7_PAIR ?     ? ? 
hydrog2 hydrog ?    ? A DG  1 O6    ? ? ? 1_555 A DG  10 N2 ? ? X DG  1  X DG  10 6_454 ? ? ? ? ? ? TYPE_7_PAIR ?     ? ? 
hydrog3 hydrog ?    ? A DG  2 N2    ? ? ? 1_555 A DG  11 N3 ? ? X DG  2  X DG  11 6_454 ? ? ? ? ? ? TYPE_4_PAIR ?     ? ? 
hydrog4 hydrog ?    ? A DG  2 N3    ? ? ? 1_555 A DG  11 N2 ? ? X DG  2  X DG  11 6_454 ? ? ? ? ? ? TYPE_4_PAIR ?     ? ? 
hydrog5 hydrog ?    ? A DA  3 N6    ? ? ? 1_555 A DA  12 N7 ? ? X DA  3  X DA  12 6_454 ? ? ? ? ? ? TYPE_2_PAIR ?     ? ? 
hydrog6 hydrog ?    ? A DA  3 N7    ? ? ? 1_555 A DA  12 N6 ? ? X DA  3  X DA  12 6_454 ? ? ? ? ? ? TYPE_2_PAIR ?     ? ? 
# 
loop_
_struct_conn_type.id 
_struct_conn_type.criteria 
_struct_conn_type.reference 
covale ? ? 
metalc ? ? 
hydrog ? ? 
# 
loop_
_pdbx_struct_conn_angle.id 
_pdbx_struct_conn_angle.ptnr1_label_atom_id 
_pdbx_struct_conn_angle.ptnr1_label_alt_id 
_pdbx_struct_conn_angle.ptnr1_label_asym_id 
_pdbx_struct_conn_angle.ptnr1_label_comp_id 
_pdbx_struct_conn_angle.ptnr1_label_seq_id 
_pdbx_struct_conn_angle.ptnr1_auth_atom_id 
_pdbx_struct_conn_angle.ptnr1_auth_asym_id 
_pdbx_struct_conn_angle.ptnr1_auth_comp_id 
_pdbx_struct_conn_angle.ptnr1_auth_seq_id 
_pdbx_struct_conn_angle.ptnr1_PDB_ins_code 
_pdbx_struct_conn_angle.ptnr1_symmetry 
_pdbx_struct_conn_angle.ptnr2_label_atom_id 
_pdbx_struct_conn_angle.ptnr2_label_alt_id 
_pdbx_struct_conn_angle.ptnr2_label_asym_id 
_pdbx_struct_conn_angle.ptnr2_label_comp_id 
_pdbx_struct_conn_angle.ptnr2_label_seq_id 
_pdbx_struct_conn_angle.ptnr2_auth_atom_id 
_pdbx_struct_conn_angle.ptnr2_auth_asym_id 
_pdbx_struct_conn_angle.ptnr2_auth_comp_id 
_pdbx_struct_conn_angle.ptnr2_auth_seq_id 
_pdbx_struct_conn_angle.ptnr2_PDB_ins_code 
_pdbx_struct_conn_angle.ptnr2_symmetry 
_pdbx_struct_conn_angle.ptnr3_label_atom_id 
_pdbx_struct_conn_angle.ptnr3_label_alt_id 
_pdbx_struct_conn_angle.ptnr3_label_asym_id 
_pdbx_struct_conn_angle.ptnr3_label_comp_id 
_pdbx_struct_conn_angle.ptnr3_label_seq_id 
_pdbx_struct_conn_angle.ptnr3_auth_atom_id 
_pdbx_struct_conn_angle.ptnr3_auth_asym_id 
_pdbx_struct_conn_angle.ptnr3_auth_comp_id 
_pdbx_struct_conn_angle.ptnr3_auth_seq_id 
_pdbx_struct_conn_angle.ptnr3_PDB_ins_code 
_pdbx_struct_conn_angle.ptnr3_symmetry 
_pdbx_struct_conn_angle.value 
_pdbx_struct_conn_angle.value_esd 
1 O ? C HOH . ? X HOH 71 ? 1_555 MG ? B MG . ? X MG 51 ? 1_555 O ? C HOH . ? X HOH 72 ? 1_555 178.7 ? 
2 O ? C HOH . ? X HOH 71 ? 1_555 MG ? B MG . ? X MG 51 ? 1_555 O ? C HOH . ? X HOH 73 ? 1_555 93.5  ? 
3 O ? C HOH . ? X HOH 72 ? 1_555 MG ? B MG . ? X MG 51 ? 1_555 O ? C HOH . ? X HOH 73 ? 1_555 87.0  ? 
4 O ? C HOH . ? X HOH 71 ? 1_555 MG ? B MG . ? X MG 51 ? 1_555 O ? C HOH . ? X HOH 74 ? 1_555 83.8  ? 
5 O ? C HOH . ? X HOH 72 ? 1_555 MG ? B MG . ? X MG 51 ? 1_555 O ? C HOH . ? X HOH 74 ? 1_555 95.0  ? 
6 O ? C HOH . ? X HOH 73 ? 1_555 MG ? B MG . ? X MG 51 ? 1_555 O ? C HOH . ? X HOH 74 ? 1_555 93.7  ? 
# 
_struct_site.id                   AC1 
_struct_site.pdbx_evidence_code   Software 
_struct_site.pdbx_auth_asym_id    X 
_struct_site.pdbx_auth_comp_id    MG 
_struct_site.pdbx_auth_seq_id     51 
_struct_site.pdbx_auth_ins_code   ? 
_struct_site.pdbx_num_residues    4 
_struct_site.details              'BINDING SITE FOR RESIDUE MG X 51' 
# 
loop_
_struct_site_gen.id 
_struct_site_gen.site_id 
_struct_site_gen.pdbx_num_res 
_struct_site_gen.label_comp_id 
_struct_site_gen.label_asym_id 
_struct_site_gen.label_seq_id 
_struct_site_gen.pdbx_auth_ins_code 
_struct_site_gen.auth_comp_id 
_struct_site_gen.auth_asym_id 
_struct_site_gen.auth_seq_id 
_struct_site_gen.label_atom_id 
_struct_site_gen.label_alt_id 
_struct_site_gen.symmetry 
_struct_site_gen.details 
1 AC1 4 HOH C . ? HOH X 71 . ? 1_555 ? 
2 AC1 4 HOH C . ? HOH X 72 . ? 1_555 ? 
3 AC1 4 HOH C . ? HOH X 73 . ? 1_555 ? 
4 AC1 4 HOH C . ? HOH X 74 . ? 1_555 ? 
# 
loop_
_pdbx_validate_rmsd_bond.id 
_pdbx_validate_rmsd_bond.PDB_model_num 
_pdbx_validate_rmsd_bond.auth_atom_id_1 
_pdbx_validate_rmsd_bond.auth_asym_id_1 
_pdbx_validate_rmsd_bond.auth_comp_id_1 
_pdbx_validate_rmsd_bond.auth_seq_id_1 
_pdbx_validate_rmsd_bond.PDB_ins_code_1 
_pdbx_validate_rmsd_bond.label_alt_id_1 
_pdbx_validate_rmsd_bond.auth_atom_id_2 
_pdbx_validate_rmsd_bond.auth_asym_id_2 
_pdbx_validate_rmsd_bond.auth_comp_id_2 
_pdbx_validate_rmsd_bond.auth_seq_id_2 
_pdbx_validate_rmsd_bond.PDB_ins_code_2 
_pdbx_validate_rmsd_bond.label_alt_id_2 
_pdbx_validate_rmsd_bond.bond_value 
_pdbx_validate_rmsd_bond.bond_target_value 
_pdbx_validate_rmsd_bond.bond_deviation 
_pdbx_validate_rmsd_bond.bond_standard_deviation 
_pdbx_validate_rmsd_bond.linker_flag 
1 1 N3    X DA 3  ? ? C4    X DA 3  ? ? 1.296 1.344 -0.048 0.006 N 
2 1 "O3'" X DG 9  ? ? "C3'" X DG 9  ? ? 1.378 1.419 -0.041 0.006 N 
3 1 N3    X DA 12 ? ? C4    X DA 12 ? ? 1.305 1.344 -0.039 0.006 N 
# 
loop_
_pdbx_validate_rmsd_angle.id 
_pdbx_validate_rmsd_angle.PDB_model_num 
_pdbx_validate_rmsd_angle.auth_atom_id_1 
_pdbx_validate_rmsd_angle.auth_asym_id_1 
_pdbx_validate_rmsd_angle.auth_comp_id_1 
_pdbx_validate_rmsd_angle.auth_seq_id_1 
_pdbx_validate_rmsd_angle.PDB_ins_code_1 
_pdbx_validate_rmsd_angle.label_alt_id_1 
_pdbx_validate_rmsd_angle.auth_atom_id_2 
_pdbx_validate_rmsd_angle.auth_asym_id_2 
_pdbx_validate_rmsd_angle.auth_comp_id_2 
_pdbx_validate_rmsd_angle.auth_seq_id_2 
_pdbx_validate_rmsd_angle.PDB_ins_code_2 
_pdbx_validate_rmsd_angle.label_alt_id_2 
_pdbx_validate_rmsd_angle.auth_atom_id_3 
_pdbx_validate_rmsd_angle.auth_asym_id_3 
_pdbx_validate_rmsd_angle.auth_comp_id_3 
_pdbx_validate_rmsd_angle.auth_seq_id_3 
_pdbx_validate_rmsd_angle.PDB_ins_code_3 
_pdbx_validate_rmsd_angle.label_alt_id_3 
_pdbx_validate_rmsd_angle.angle_value 
_pdbx_validate_rmsd_angle.angle_target_value 
_pdbx_validate_rmsd_angle.angle_deviation 
_pdbx_validate_rmsd_angle.angle_standard_deviation 
_pdbx_validate_rmsd_angle.linker_flag 
1  1 "O4'" X DG 1  ? ? "C1'" X DG 1  ? ? N9    X DG 1  ? ? 110.19 108.30 1.89  0.30 N 
2  1 "O4'" X DG 2  ? ? "C1'" X DG 2  ? ? "C2'" X DG 2  ? ? 99.75  105.90 -6.15 0.80 N 
3  1 "O4'" X DA 3  ? ? "C4'" X DA 3  ? ? "C3'" X DA 3  ? ? 96.80  104.50 -7.70 0.40 N 
4  1 "C1'" X DA 3  ? ? "O4'" X DA 3  ? ? "C4'" X DA 3  ? ? 118.99 110.30 8.69  0.70 N 
5  1 "O4'" X DA 3  ? ? "C1'" X DA 3  ? ? "C2'" X DA 3  ? ? 98.39  105.90 -7.51 0.80 N 
6  1 "O4'" X DA 3  ? ? "C1'" X DA 3  ? ? N9    X DA 3  ? ? 99.65  108.00 -8.35 0.70 N 
7  1 N1    X DA 3  ? ? C2    X DA 3  ? ? N3    X DA 3  ? ? 125.18 129.30 -4.12 0.50 N 
8  1 C2    X DA 3  ? ? N3    X DA 3  ? ? C4    X DA 3  ? ? 116.67 110.60 6.07  0.50 N 
9  1 C4    X DA 5  ? ? C5    X DA 5  ? ? N7    X DA 5  ? ? 107.58 110.70 -3.12 0.50 N 
10 1 N1    X DA 5  ? ? C6    X DA 5  ? ? N6    X DA 5  ? ? 114.19 118.60 -4.41 0.60 N 
11 1 "C3'" X DG 6  ? ? "C2'" X DG 6  ? ? "C1'" X DG 6  ? ? 96.61  102.40 -5.79 0.80 N 
12 1 "O4'" X DG 6  ? ? "C1'" X DG 6  ? ? N9    X DG 6  ? ? 114.23 108.30 5.93  0.30 N 
13 1 N1    X DG 6  ? ? C2    X DG 6  ? ? N3    X DG 6  ? ? 120.03 123.90 -3.87 0.60 N 
14 1 "O4'" X DA 7  ? ? "C1'" X DA 7  ? ? N9    X DA 7  ? ? 111.22 108.30 2.92  0.30 N 
15 1 "C3'" X DG 9  ? ? "C2'" X DG 9  ? ? "C1'" X DG 9  ? ? 93.48  102.40 -8.92 0.80 N 
16 1 "O4'" X DG 9  ? ? "C1'" X DG 9  ? ? N9    X DG 9  ? ? 110.79 108.30 2.49  0.30 N 
17 1 C5    X DG 9  ? ? C6    X DG 9  ? ? O6    X DG 9  ? ? 124.76 128.60 -3.84 0.60 N 
18 1 "O4'" X DG 11 ? ? "C4'" X DG 11 ? ? "C3'" X DG 11 ? ? 101.70 104.50 -2.80 0.40 N 
19 1 "C1'" X DG 11 ? ? "O4'" X DG 11 ? ? "C4'" X DG 11 ? ? 114.74 110.30 4.44  0.70 N 
20 1 N1    X DG 11 ? ? C6    X DG 11 ? ? O6    X DG 11 ? ? 113.48 119.90 -6.42 0.60 N 
21 1 C5    X DG 11 ? ? C6    X DG 11 ? ? O6    X DG 11 ? ? 132.21 128.60 3.61  0.60 N 
22 1 "O5'" X DA 12 ? ? P     X DA 12 ? ? OP1   X DA 12 ? ? 118.72 110.70 8.02  1.20 N 
23 1 C4    X DA 12 ? ? C5    X DA 12 ? ? N7    X DA 12 ? ? 107.29 110.70 -3.41 0.50 N 
24 1 C5    X DA 12 ? ? N7    X DA 12 ? ? C8    X DA 12 ? ? 108.44 103.90 4.54  0.50 N 
25 1 N1    X DA 12 ? ? C6    X DA 12 ? ? N6    X DA 12 ? ? 114.57 118.60 -4.03 0.60 N 
26 1 OP1   X DG 13 ? ? P     X DG 13 ? ? OP2   X DG 13 ? ? 130.12 119.60 10.52 1.50 N 
# 
loop_
_pdbx_struct_mod_residue.id 
_pdbx_struct_mod_residue.label_asym_id 
_pdbx_struct_mod_residue.label_comp_id 
_pdbx_struct_mod_residue.label_seq_id 
_pdbx_struct_mod_residue.auth_asym_id 
_pdbx_struct_mod_residue.auth_comp_id 
_pdbx_struct_mod_residue.auth_seq_id 
_pdbx_struct_mod_residue.PDB_ins_code 
_pdbx_struct_mod_residue.parent_comp_id 
_pdbx_struct_mod_residue.details 
1 A CBR 4 X CBR 4 ? DC ? 
2 A BRU 8 X BRU 8 ? DU ? 
# 
loop_
_chem_comp_atom.comp_id 
_chem_comp_atom.atom_id 
_chem_comp_atom.type_symbol 
_chem_comp_atom.pdbx_aromatic_flag 
_chem_comp_atom.pdbx_stereo_config 
_chem_comp_atom.pdbx_ordinal 
BRU N1     N  N N 1   
BRU C2     C  N N 2   
BRU N3     N  N N 3   
BRU C4     C  N N 4   
BRU C5     C  N N 5   
BRU C6     C  N N 6   
BRU O2     O  N N 7   
BRU O4     O  N N 8   
BRU BR     BR N N 9   
BRU "C1'"  C  N R 10  
BRU "C2'"  C  N N 11  
BRU "C3'"  C  N S 12  
BRU "C4'"  C  N R 13  
BRU "O3'"  O  N N 14  
BRU "O4'"  O  N N 15  
BRU "C5'"  C  N N 16  
BRU "O5'"  O  N N 17  
BRU P      P  N N 18  
BRU OP1    O  N N 19  
BRU OP2    O  N N 20  
BRU OP3    O  N N 21  
BRU HN3    H  N N 22  
BRU H6     H  N N 23  
BRU "H1'"  H  N N 24  
BRU "H2'"  H  N N 25  
BRU "H2''" H  N N 26  
BRU "H3'"  H  N N 27  
BRU "H4'"  H  N N 28  
BRU "HO3'" H  N N 29  
BRU "H5'"  H  N N 30  
BRU "H5''" H  N N 31  
BRU HOP2   H  N N 32  
BRU HOP3   H  N N 33  
CBR BR     BR N N 34  
CBR P      P  N N 35  
CBR OP1    O  N N 36  
CBR OP2    O  N N 37  
CBR "O5'"  O  N N 38  
CBR N1     N  N N 39  
CBR C6     C  N N 40  
CBR C2     C  N N 41  
CBR O2     O  N N 42  
CBR N3     N  N N 43  
CBR C4     C  N N 44  
CBR N4     N  N N 45  
CBR C5     C  N N 46  
CBR "C2'"  C  N N 47  
CBR "C5'"  C  N N 48  
CBR "C4'"  C  N R 49  
CBR "O4'"  O  N N 50  
CBR "C1'"  C  N R 51  
CBR "C3'"  C  N S 52  
CBR "O3'"  O  N N 53  
CBR OP3    O  N N 54  
CBR HOP2   H  N N 55  
CBR H6     H  N N 56  
CBR H41    H  N N 57  
CBR H42    H  N N 58  
CBR "H2'"  H  N N 59  
CBR "H2''" H  N N 60  
CBR "H5'"  H  N N 61  
CBR "H5''" H  N N 62  
CBR "H4'"  H  N N 63  
CBR "H1'"  H  N N 64  
CBR "H3'"  H  N N 65  
CBR "HO3'" H  N N 66  
CBR HOP3   H  N N 67  
DA  OP3    O  N N 68  
DA  P      P  N N 69  
DA  OP1    O  N N 70  
DA  OP2    O  N N 71  
DA  "O5'"  O  N N 72  
DA  "C5'"  C  N N 73  
DA  "C4'"  C  N R 74  
DA  "O4'"  O  N N 75  
DA  "C3'"  C  N S 76  
DA  "O3'"  O  N N 77  
DA  "C2'"  C  N N 78  
DA  "C1'"  C  N R 79  
DA  N9     N  Y N 80  
DA  C8     C  Y N 81  
DA  N7     N  Y N 82  
DA  C5     C  Y N 83  
DA  C6     C  Y N 84  
DA  N6     N  N N 85  
DA  N1     N  Y N 86  
DA  C2     C  Y N 87  
DA  N3     N  Y N 88  
DA  C4     C  Y N 89  
DA  HOP3   H  N N 90  
DA  HOP2   H  N N 91  
DA  "H5'"  H  N N 92  
DA  "H5''" H  N N 93  
DA  "H4'"  H  N N 94  
DA  "H3'"  H  N N 95  
DA  "HO3'" H  N N 96  
DA  "H2'"  H  N N 97  
DA  "H2''" H  N N 98  
DA  "H1'"  H  N N 99  
DA  H8     H  N N 100 
DA  H61    H  N N 101 
DA  H62    H  N N 102 
DA  H2     H  N N 103 
DG  OP3    O  N N 104 
DG  P      P  N N 105 
DG  OP1    O  N N 106 
DG  OP2    O  N N 107 
DG  "O5'"  O  N N 108 
DG  "C5'"  C  N N 109 
DG  "C4'"  C  N R 110 
DG  "O4'"  O  N N 111 
DG  "C3'"  C  N S 112 
DG  "O3'"  O  N N 113 
DG  "C2'"  C  N N 114 
DG  "C1'"  C  N R 115 
DG  N9     N  Y N 116 
DG  C8     C  Y N 117 
DG  N7     N  Y N 118 
DG  C5     C  Y N 119 
DG  C6     C  N N 120 
DG  O6     O  N N 121 
DG  N1     N  N N 122 
DG  C2     C  N N 123 
DG  N2     N  N N 124 
DG  N3     N  N N 125 
DG  C4     C  Y N 126 
DG  HOP3   H  N N 127 
DG  HOP2   H  N N 128 
DG  "H5'"  H  N N 129 
DG  "H5''" H  N N 130 
DG  "H4'"  H  N N 131 
DG  "H3'"  H  N N 132 
DG  "HO3'" H  N N 133 
DG  "H2'"  H  N N 134 
DG  "H2''" H  N N 135 
DG  "H1'"  H  N N 136 
DG  H8     H  N N 137 
DG  H1     H  N N 138 
DG  H21    H  N N 139 
DG  H22    H  N N 140 
HOH O      O  N N 141 
HOH H1     H  N N 142 
HOH H2     H  N N 143 
MG  MG     MG N N 144 
# 
loop_
_chem_comp_bond.comp_id 
_chem_comp_bond.atom_id_1 
_chem_comp_bond.atom_id_2 
_chem_comp_bond.value_order 
_chem_comp_bond.pdbx_aromatic_flag 
_chem_comp_bond.pdbx_stereo_config 
_chem_comp_bond.pdbx_ordinal 
BRU N1    C2     sing N N 1   
BRU N1    C6     sing N N 2   
BRU N1    "C1'"  sing N N 3   
BRU C2    N3     sing N N 4   
BRU C2    O2     doub N N 5   
BRU N3    C4     sing N N 6   
BRU N3    HN3    sing N N 7   
BRU C4    C5     sing N N 8   
BRU C4    O4     doub N N 9   
BRU C5    C6     doub N N 10  
BRU C5    BR     sing N N 11  
BRU C6    H6     sing N N 12  
BRU "C1'" "C2'"  sing N N 13  
BRU "C1'" "O4'"  sing N N 14  
BRU "C1'" "H1'"  sing N N 15  
BRU "C2'" "C3'"  sing N N 16  
BRU "C2'" "H2'"  sing N N 17  
BRU "C2'" "H2''" sing N N 18  
BRU "C3'" "C4'"  sing N N 19  
BRU "C3'" "O3'"  sing N N 20  
BRU "C3'" "H3'"  sing N N 21  
BRU "C4'" "O4'"  sing N N 22  
BRU "C4'" "C5'"  sing N N 23  
BRU "C4'" "H4'"  sing N N 24  
BRU "O3'" "HO3'" sing N N 25  
BRU "C5'" "O5'"  sing N N 26  
BRU "C5'" "H5'"  sing N N 27  
BRU "C5'" "H5''" sing N N 28  
BRU "O5'" P      sing N N 29  
BRU P     OP1    doub N N 30  
BRU P     OP2    sing N N 31  
BRU P     OP3    sing N N 32  
BRU OP2   HOP2   sing N N 33  
BRU OP3   HOP3   sing N N 34  
CBR BR    C5     sing N N 35  
CBR P     OP1    doub N N 36  
CBR P     OP2    sing N N 37  
CBR P     "O5'"  sing N N 38  
CBR P     OP3    sing N N 39  
CBR OP2   HOP2   sing N N 40  
CBR "O5'" "C5'"  sing N N 41  
CBR N1    C6     sing N N 42  
CBR N1    C2     sing N N 43  
CBR N1    "C1'"  sing N N 44  
CBR C6    C5     doub N N 45  
CBR C6    H6     sing N N 46  
CBR C2    O2     doub N N 47  
CBR C2    N3     sing N N 48  
CBR N3    C4     doub N N 49  
CBR C4    N4     sing N N 50  
CBR C4    C5     sing N N 51  
CBR N4    H41    sing N N 52  
CBR N4    H42    sing N N 53  
CBR "C2'" "C1'"  sing N N 54  
CBR "C2'" "C3'"  sing N N 55  
CBR "C2'" "H2'"  sing N N 56  
CBR "C2'" "H2''" sing N N 57  
CBR "C5'" "C4'"  sing N N 58  
CBR "C5'" "H5'"  sing N N 59  
CBR "C5'" "H5''" sing N N 60  
CBR "C4'" "O4'"  sing N N 61  
CBR "C4'" "C3'"  sing N N 62  
CBR "C4'" "H4'"  sing N N 63  
CBR "O4'" "C1'"  sing N N 64  
CBR "C1'" "H1'"  sing N N 65  
CBR "C3'" "O3'"  sing N N 66  
CBR "C3'" "H3'"  sing N N 67  
CBR "O3'" "HO3'" sing N N 68  
CBR OP3   HOP3   sing N N 69  
DA  OP3   P      sing N N 70  
DA  OP3   HOP3   sing N N 71  
DA  P     OP1    doub N N 72  
DA  P     OP2    sing N N 73  
DA  P     "O5'"  sing N N 74  
DA  OP2   HOP2   sing N N 75  
DA  "O5'" "C5'"  sing N N 76  
DA  "C5'" "C4'"  sing N N 77  
DA  "C5'" "H5'"  sing N N 78  
DA  "C5'" "H5''" sing N N 79  
DA  "C4'" "O4'"  sing N N 80  
DA  "C4'" "C3'"  sing N N 81  
DA  "C4'" "H4'"  sing N N 82  
DA  "O4'" "C1'"  sing N N 83  
DA  "C3'" "O3'"  sing N N 84  
DA  "C3'" "C2'"  sing N N 85  
DA  "C3'" "H3'"  sing N N 86  
DA  "O3'" "HO3'" sing N N 87  
DA  "C2'" "C1'"  sing N N 88  
DA  "C2'" "H2'"  sing N N 89  
DA  "C2'" "H2''" sing N N 90  
DA  "C1'" N9     sing N N 91  
DA  "C1'" "H1'"  sing N N 92  
DA  N9    C8     sing Y N 93  
DA  N9    C4     sing Y N 94  
DA  C8    N7     doub Y N 95  
DA  C8    H8     sing N N 96  
DA  N7    C5     sing Y N 97  
DA  C5    C6     sing Y N 98  
DA  C5    C4     doub Y N 99  
DA  C6    N6     sing N N 100 
DA  C6    N1     doub Y N 101 
DA  N6    H61    sing N N 102 
DA  N6    H62    sing N N 103 
DA  N1    C2     sing Y N 104 
DA  C2    N3     doub Y N 105 
DA  C2    H2     sing N N 106 
DA  N3    C4     sing Y N 107 
DG  OP3   P      sing N N 108 
DG  OP3   HOP3   sing N N 109 
DG  P     OP1    doub N N 110 
DG  P     OP2    sing N N 111 
DG  P     "O5'"  sing N N 112 
DG  OP2   HOP2   sing N N 113 
DG  "O5'" "C5'"  sing N N 114 
DG  "C5'" "C4'"  sing N N 115 
DG  "C5'" "H5'"  sing N N 116 
DG  "C5'" "H5''" sing N N 117 
DG  "C4'" "O4'"  sing N N 118 
DG  "C4'" "C3'"  sing N N 119 
DG  "C4'" "H4'"  sing N N 120 
DG  "O4'" "C1'"  sing N N 121 
DG  "C3'" "O3'"  sing N N 122 
DG  "C3'" "C2'"  sing N N 123 
DG  "C3'" "H3'"  sing N N 124 
DG  "O3'" "HO3'" sing N N 125 
DG  "C2'" "C1'"  sing N N 126 
DG  "C2'" "H2'"  sing N N 127 
DG  "C2'" "H2''" sing N N 128 
DG  "C1'" N9     sing N N 129 
DG  "C1'" "H1'"  sing N N 130 
DG  N9    C8     sing Y N 131 
DG  N9    C4     sing Y N 132 
DG  C8    N7     doub Y N 133 
DG  C8    H8     sing N N 134 
DG  N7    C5     sing Y N 135 
DG  C5    C6     sing N N 136 
DG  C5    C4     doub Y N 137 
DG  C6    O6     doub N N 138 
DG  C6    N1     sing N N 139 
DG  N1    C2     sing N N 140 
DG  N1    H1     sing N N 141 
DG  C2    N2     sing N N 142 
DG  C2    N3     doub N N 143 
DG  N2    H21    sing N N 144 
DG  N2    H22    sing N N 145 
DG  N3    C4     sing N N 146 
HOH O     H1     sing N N 147 
HOH O     H2     sing N N 148 
# 
loop_
_ndb_struct_conf_na.entry_id 
_ndb_struct_conf_na.feature 
1P1Y 'double helix'         
1P1Y 'parallel strands'     
1P1Y 'mismatched base pair' 
# 
loop_
_ndb_struct_na_base_pair.model_number 
_ndb_struct_na_base_pair.i_label_asym_id 
_ndb_struct_na_base_pair.i_label_comp_id 
_ndb_struct_na_base_pair.i_label_seq_id 
_ndb_struct_na_base_pair.i_symmetry 
_ndb_struct_na_base_pair.j_label_asym_id 
_ndb_struct_na_base_pair.j_label_comp_id 
_ndb_struct_na_base_pair.j_label_seq_id 
_ndb_struct_na_base_pair.j_symmetry 
_ndb_struct_na_base_pair.shear 
_ndb_struct_na_base_pair.stretch 
_ndb_struct_na_base_pair.stagger 
_ndb_struct_na_base_pair.buckle 
_ndb_struct_na_base_pair.propeller 
_ndb_struct_na_base_pair.opening 
_ndb_struct_na_base_pair.pair_number 
_ndb_struct_na_base_pair.pair_name 
_ndb_struct_na_base_pair.i_auth_asym_id 
_ndb_struct_na_base_pair.i_auth_seq_id 
_ndb_struct_na_base_pair.i_PDB_ins_code 
_ndb_struct_na_base_pair.j_auth_asym_id 
_ndb_struct_na_base_pair.j_auth_seq_id 
_ndb_struct_na_base_pair.j_PDB_ins_code 
_ndb_struct_na_base_pair.hbond_type_28 
_ndb_struct_na_base_pair.hbond_type_12 
1 A DG 1 1_555 A DG 10 6_454 -5.716 -0.518 -0.213 -2.683 -6.650 -112.497 1 X_DG1:DG10_X X 1 ? X 10 ? 7 4  
1 A DG 2 1_555 A DG 11 6_454 3.179  8.009  -0.574 -0.455 24.789 174.581  2 X_DG2:DG11_X X 2 ? X 11 ? 4 12 
1 A DA 3 1_555 A DA 12 6_454 -5.402 5.487  0.167  -7.038 29.923 -179.699 3 X_DA3:DA12_X X 3 ? X 12 ? 2 7  
# 
loop_
_ndb_struct_na_base_pair_step.model_number 
_ndb_struct_na_base_pair_step.i_label_asym_id_1 
_ndb_struct_na_base_pair_step.i_label_comp_id_1 
_ndb_struct_na_base_pair_step.i_label_seq_id_1 
_ndb_struct_na_base_pair_step.i_symmetry_1 
_ndb_struct_na_base_pair_step.j_label_asym_id_1 
_ndb_struct_na_base_pair_step.j_label_comp_id_1 
_ndb_struct_na_base_pair_step.j_label_seq_id_1 
_ndb_struct_na_base_pair_step.j_symmetry_1 
_ndb_struct_na_base_pair_step.i_label_asym_id_2 
_ndb_struct_na_base_pair_step.i_label_comp_id_2 
_ndb_struct_na_base_pair_step.i_label_seq_id_2 
_ndb_struct_na_base_pair_step.i_symmetry_2 
_ndb_struct_na_base_pair_step.j_label_asym_id_2 
_ndb_struct_na_base_pair_step.j_label_comp_id_2 
_ndb_struct_na_base_pair_step.j_label_seq_id_2 
_ndb_struct_na_base_pair_step.j_symmetry_2 
_ndb_struct_na_base_pair_step.shift 
_ndb_struct_na_base_pair_step.slide 
_ndb_struct_na_base_pair_step.rise 
_ndb_struct_na_base_pair_step.tilt 
_ndb_struct_na_base_pair_step.roll 
_ndb_struct_na_base_pair_step.twist 
_ndb_struct_na_base_pair_step.x_displacement 
_ndb_struct_na_base_pair_step.y_displacement 
_ndb_struct_na_base_pair_step.helical_rise 
_ndb_struct_na_base_pair_step.inclination 
_ndb_struct_na_base_pair_step.tip 
_ndb_struct_na_base_pair_step.helical_twist 
_ndb_struct_na_base_pair_step.step_number 
_ndb_struct_na_base_pair_step.step_name 
_ndb_struct_na_base_pair_step.i_auth_asym_id_1 
_ndb_struct_na_base_pair_step.i_auth_seq_id_1 
_ndb_struct_na_base_pair_step.i_PDB_ins_code_1 
_ndb_struct_na_base_pair_step.j_auth_asym_id_1 
_ndb_struct_na_base_pair_step.j_auth_seq_id_1 
_ndb_struct_na_base_pair_step.j_PDB_ins_code_1 
_ndb_struct_na_base_pair_step.i_auth_asym_id_2 
_ndb_struct_na_base_pair_step.i_auth_seq_id_2 
_ndb_struct_na_base_pair_step.i_PDB_ins_code_2 
_ndb_struct_na_base_pair_step.j_auth_asym_id_2 
_ndb_struct_na_base_pair_step.j_auth_seq_id_2 
_ndb_struct_na_base_pair_step.j_PDB_ins_code_2 
1 A DG 1 1_555 A DG 10 6_454 A DG 2 1_555 A DG 11 6_454 4.877 -0.870 1.701 -111.194 131.801 26.996  0.048 -2.035 -3.306 68.114 
57.465 172.650 1 XX_DG1DG2:DG11DG10_XX X 1 ? X 10 ? X 2 ? X 11 ? 
1 A DG 2 1_555 A DG 11 6_454 A DA 3 1_555 A DA 12 6_454 0.032 0.071  4.480 -0.242   1.746   173.703 0.034 -0.016 4.480  0.875  
0.121  173.704 2 XX_DG2DA3:DA12DG11_XX X 2 ? X 11 ? X 3 ? X 12 ? 
# 
_atom_sites.entry_id                    1P1Y 
_atom_sites.fract_transf_matrix[1][1]   -0.01269814 
_atom_sites.fract_transf_matrix[1][2]   -0.00742754 
_atom_sites.fract_transf_matrix[1][3]   0.02431591 
_atom_sites.fract_transf_matrix[2][1]   0.00429894 
_atom_sites.fract_transf_matrix[2][2]   0.01533577 
_atom_sites.fract_transf_matrix[2][3]   0.02353783 
_atom_sites.fract_transf_matrix[3][1]   -0.01416796 
_atom_sites.fract_transf_matrix[3][2]   0.01043509 
_atom_sites.fract_transf_matrix[3][3]   -0.00421122 
_atom_sites.fract_transf_vector[1]      -0.571741 
_atom_sites.fract_transf_vector[2]      -1.065167 
_atom_sites.fract_transf_vector[3]      -0.103364 
# 
loop_
_atom_type.symbol 
BR 
C  
MG 
N  
O  
P  
# 
loop_
_atom_site.group_PDB 
_atom_site.id 
_atom_site.type_symbol 
_atom_site.label_atom_id 
_atom_site.label_alt_id 
_atom_site.label_comp_id 
_atom_site.label_asym_id 
_atom_site.label_entity_id 
_atom_site.label_seq_id 
_atom_site.pdbx_PDB_ins_code 
_atom_site.Cartn_x 
_atom_site.Cartn_y 
_atom_site.Cartn_z 
_atom_site.occupancy 
_atom_site.B_iso_or_equiv 
_atom_site.pdbx_formal_charge 
_atom_site.auth_seq_id 
_atom_site.auth_comp_id 
_atom_site.auth_asym_id 
_atom_site.auth_atom_id 
_atom_site.pdbx_PDB_model_num 
ATOM   1   O  "O5'" . DG  A 1 1  ? 16.093  -5.618 16.268  1.00 38.25 ? 1  DG  X "O5'" 1 
ATOM   2   C  "C5'" . DG  A 1 1  ? 15.411  -4.969 17.263  1.00 40.25 ? 1  DG  X "C5'" 1 
ATOM   3   C  "C4'" . DG  A 1 1  ? 14.179  -4.237 16.706  1.00 40.56 ? 1  DG  X "C4'" 1 
ATOM   4   O  "O4'" . DG  A 1 1  ? 14.553  -3.341 15.636  1.00 40.15 ? 1  DG  X "O4'" 1 
ATOM   5   C  "C3'" . DG  A 1 1  ? 13.152  -5.155 16.096  1.00 40.78 ? 1  DG  X "C3'" 1 
ATOM   6   O  "O3'" . DG  A 1 1  ? 11.883  -4.627 16.504  1.00 42.70 ? 1  DG  X "O3'" 1 
ATOM   7   C  "C2'" . DG  A 1 1  ? 13.456  -5.111 14.598  1.00 38.86 ? 1  DG  X "C2'" 1 
ATOM   8   C  "C1'" . DG  A 1 1  ? 13.824  -3.640 14.485  1.00 37.68 ? 1  DG  X "C1'" 1 
ATOM   9   N  N9    . DG  A 1 1  ? 14.580  -3.286 13.313  1.00 35.34 ? 1  DG  X N9    1 
ATOM   10  C  C8    . DG  A 1 1  ? 14.139  -2.431 12.367  1.00 35.47 ? 1  DG  X C8    1 
ATOM   11  N  N7    . DG  A 1 1  ? 14.971  -2.267 11.378  1.00 35.18 ? 1  DG  X N7    1 
ATOM   12  C  C5    . DG  A 1 1  ? 16.023  -3.068 11.710  1.00 33.01 ? 1  DG  X C5    1 
ATOM   13  C  C6    . DG  A 1 1  ? 17.221  -3.265 11.017  1.00 33.66 ? 1  DG  X C6    1 
ATOM   14  O  O6    . DG  A 1 1  ? 17.544  -2.779 9.956   1.00 35.74 ? 1  DG  X O6    1 
ATOM   15  N  N1    . DG  A 1 1  ? 18.062  -4.154 11.663  1.00 35.55 ? 1  DG  X N1    1 
ATOM   16  C  C2    . DG  A 1 1  ? 17.748  -4.760 12.879  1.00 35.57 ? 1  DG  X C2    1 
ATOM   17  N  N2    . DG  A 1 1  ? 18.639  -5.573 13.398  1.00 39.80 ? 1  DG  X N2    1 
ATOM   18  N  N3    . DG  A 1 1  ? 16.640  -4.584 13.537  1.00 34.13 ? 1  DG  X N3    1 
ATOM   19  C  C4    . DG  A 1 1  ? 15.807  -3.717 12.900  1.00 34.79 ? 1  DG  X C4    1 
ATOM   20  P  P     . DG  A 1 2  ? 10.568  -5.494 16.349  1.00 42.12 ? 2  DG  X P     1 
ATOM   21  O  OP1   . DG  A 1 2  ? 9.531   -4.837 17.138  1.00 43.75 ? 2  DG  X OP1   1 
ATOM   22  O  OP2   . DG  A 1 2  ? 10.839  -6.916 16.350  1.00 37.06 ? 2  DG  X OP2   1 
ATOM   23  O  "O5'" . DG  A 1 2  ? 10.179  -5.147 14.798  1.00 39.25 ? 2  DG  X "O5'" 1 
ATOM   24  C  "C5'" . DG  A 1 2  ? 9.836   -3.859 14.432  1.00 35.52 ? 2  DG  X "C5'" 1 
ATOM   25  C  "C4'" . DG  A 1 2  ? 9.620   -3.829 12.959  1.00 35.20 ? 2  DG  X "C4'" 1 
ATOM   26  O  "O4'" . DG  A 1 2  ? 10.906  -3.957 12.346  1.00 34.51 ? 2  DG  X "O4'" 1 
ATOM   27  C  "C3'" . DG  A 1 2  ? 8.809   -4.994 12.346  1.00 34.27 ? 2  DG  X "C3'" 1 
ATOM   28  O  "O3'" . DG  A 1 2  ? 7.838   -4.532 11.375  1.00 33.39 ? 2  DG  X "O3'" 1 
ATOM   29  C  "C2'" . DG  A 1 2  ? 9.848   -5.764 11.558  1.00 32.68 ? 2  DG  X "C2'" 1 
ATOM   30  C  "C1'" . DG  A 1 2  ? 10.799  -4.670 11.130  1.00 32.90 ? 2  DG  X "C1'" 1 
ATOM   31  N  N9    . DG  A 1 2  ? 12.156  -5.091 10.767  1.00 32.12 ? 2  DG  X N9    1 
ATOM   32  C  C8    . DG  A 1 2  ? 12.892  -6.021 11.481  1.00 32.15 ? 2  DG  X C8    1 
ATOM   33  N  N7    . DG  A 1 2  ? 14.069  -6.248 10.980  1.00 32.72 ? 2  DG  X N7    1 
ATOM   34  C  C5    . DG  A 1 2  ? 14.098  -5.426 9.867   1.00 32.26 ? 2  DG  X C5    1 
ATOM   35  C  C6    . DG  A 1 2  ? 15.142  -5.224 8.937   1.00 33.81 ? 2  DG  X C6    1 
ATOM   36  O  O6    . DG  A 1 2  ? 16.254  -5.789 8.938   1.00 36.81 ? 2  DG  X O6    1 
ATOM   37  N  N1    . DG  A 1 2  ? 14.809  -4.299 7.940   1.00 33.73 ? 2  DG  X N1    1 
ATOM   38  C  C2    . DG  A 1 2  ? 13.609  -3.680 7.858   1.00 31.85 ? 2  DG  X C2    1 
ATOM   39  N  N2    . DG  A 1 2  ? 13.471  -2.861 6.807   1.00 32.99 ? 2  DG  X N2    1 
ATOM   40  N  N3    . DG  A 1 2  ? 12.620  -3.861 8.712   1.00 30.84 ? 2  DG  X N3    1 
ATOM   41  C  C4    . DG  A 1 2  ? 12.937  -4.712 9.719   1.00 31.87 ? 2  DG  X C4    1 
ATOM   42  P  P     . DA  A 1 3  ? 6.306   -4.582 11.605  1.00 34.11 ? 3  DA  X P     1 
ATOM   43  O  OP1   . DA  A 1 3  ? 5.922   -4.441 12.985  1.00 36.86 ? 3  DA  X OP1   1 
ATOM   44  O  OP2   . DA  A 1 3  ? 5.977   -5.806 10.982  1.00 35.32 ? 3  DA  X OP2   1 
ATOM   45  O  "O5'" . DA  A 1 3  ? 5.747   -3.440 10.692  1.00 33.37 ? 3  DA  X "O5'" 1 
ATOM   46  C  "C5'" . DA  A 1 3  ? 6.144   -2.119 10.697  1.00 33.20 ? 3  DA  X "C5'" 1 
ATOM   47  C  "C4'" . DA  A 1 3  ? 5.447   -1.411 9.533   1.00 33.56 ? 3  DA  X "C4'" 1 
ATOM   48  O  "O4'" . DA  A 1 3  ? 6.104   -1.643 8.287   1.00 32.58 ? 3  DA  X "O4'" 1 
ATOM   49  C  "C3'" . DA  A 1 3  ? 4.069   -1.890 9.101   1.00 32.68 ? 3  DA  X "C3'" 1 
ATOM   50  O  "O3'" . DA  A 1 3  ? 3.457   -0.710 8.539   1.00 34.17 ? 3  DA  X "O3'" 1 
ATOM   51  C  "C2'" . DA  A 1 3  ? 4.394   -2.968 8.057   1.00 28.33 ? 3  DA  X "C2'" 1 
ATOM   52  C  "C1'" . DA  A 1 3  ? 5.391   -2.273 7.244   1.00 28.74 ? 3  DA  X "C1'" 1 
ATOM   53  N  N9    . DA  A 1 3  ? 6.467   -3.100 6.673   1.00 26.39 ? 3  DA  X N9    1 
ATOM   54  C  C8    . DA  A 1 3  ? 7.346   -3.837 7.425   1.00 26.84 ? 3  DA  X C8    1 
ATOM   55  N  N7    . DA  A 1 3  ? 8.246   -4.441 6.698   1.00 29.89 ? 3  DA  X N7    1 
ATOM   56  C  C5    . DA  A 1 3  ? 7.999   -4.007 5.392   1.00 27.18 ? 3  DA  X C5    1 
ATOM   57  C  C6    . DA  A 1 3  ? 8.608   -4.262 4.144   1.00 27.29 ? 3  DA  X C6    1 
ATOM   58  N  N6    . DA  A 1 3  ? 9.686   -5.065 3.966   1.00 28.10 ? 3  DA  X N6    1 
ATOM   59  N  N1    . DA  A 1 3  ? 8.061   -3.652 3.033   1.00 27.67 ? 3  DA  X N1    1 
ATOM   60  C  C2    . DA  A 1 3  ? 7.024   -2.822 3.208   1.00 26.84 ? 3  DA  X C2    1 
ATOM   61  N  N3    . DA  A 1 3  ? 6.432   -2.577 4.365   1.00 25.63 ? 3  DA  X N3    1 
ATOM   62  C  C4    . DA  A 1 3  ? 6.927   -3.166 5.408   1.00 25.41 ? 3  DA  X C4    1 
HETATM 63  BR BR    . CBR A 1 4  ? 0.782   3.940  10.780  0.60 48.48 ? 4  CBR X BR    1 
HETATM 64  P  P     . CBR A 1 4  ? 2.638   0.325  9.433   1.00 38.01 ? 4  CBR X P     1 
HETATM 65  O  OP1   . CBR A 1 4  ? 2.072   1.266  8.475   1.00 42.49 ? 4  CBR X OP1   1 
HETATM 66  O  OP2   . CBR A 1 4  ? 3.426   0.833  10.529  1.00 37.96 ? 4  CBR X OP2   1 
HETATM 67  O  "O5'" . CBR A 1 4  ? 1.506   -0.515 10.144  1.00 37.28 ? 4  CBR X "O5'" 1 
HETATM 68  N  N1    . CBR A 1 4  ? -2.157  1.134  10.751  1.00 37.86 ? 4  CBR X N1    1 
HETATM 69  C  C6    . CBR A 1 4  ? -0.954  1.741  10.833  1.00 36.06 ? 4  CBR X C6    1 
HETATM 70  C  C2    . CBR A 1 4  ? -3.334  1.869  10.418  1.00 38.03 ? 4  CBR X C2    1 
HETATM 71  O  O2    . CBR A 1 4  ? -4.469  1.317  10.339  1.00 39.42 ? 4  CBR X O2    1 
HETATM 72  N  N3    . CBR A 1 4  ? -3.216  3.205  10.242  1.00 37.11 ? 4  CBR X N3    1 
HETATM 73  C  C4    . CBR A 1 4  ? -2.040  3.766  10.313  1.00 36.52 ? 4  CBR X C4    1 
HETATM 74  N  N4    . CBR A 1 4  ? -1.998  5.070  10.082  1.00 39.21 ? 4  CBR X N4    1 
HETATM 75  C  C5    . CBR A 1 4  ? -0.870  3.053  10.629  1.00 35.92 ? 4  CBR X C5    1 
HETATM 76  C  "C2'" . CBR A 1 4  ? -2.529  -0.909 9.595   1.00 41.02 ? 4  CBR X "C2'" 1 
HETATM 77  C  "C5'" . CBR A 1 4  ? 0.481   -1.121 9.415   1.00 37.25 ? 4  CBR X "C5'" 1 
HETATM 78  C  "C4'" . CBR A 1 4  ? -0.498  -1.770 10.368  1.00 41.45 ? 4  CBR X "C4'" 1 
HETATM 79  O  "O4'" . CBR A 1 4  ? -0.974  -0.782 11.377  1.00 41.57 ? 4  CBR X "O4'" 1 
HETATM 80  C  "C1'" . CBR A 1 4  ? -2.240  -0.296 10.961  1.00 39.87 ? 4  CBR X "C1'" 1 
HETATM 81  C  "C3'" . CBR A 1 4  ? -1.701  -2.199 9.568   1.00 42.24 ? 4  CBR X "C3'" 1 
HETATM 82  O  "O3'" . CBR A 1 4  ? -2.466  -3.240 10.180  1.00 46.16 ? 4  CBR X "O3'" 1 
ATOM   83  P  P     . DA  A 1 5  ? -2.793  -4.635 9.483   1.00 48.30 ? 5  DA  X P     1 
ATOM   84  O  OP1   . DA  A 1 5  ? -2.228  -5.497 10.545  1.00 50.58 ? 5  DA  X OP1   1 
ATOM   85  O  OP2   . DA  A 1 5  ? -2.316  -4.594 8.138   1.00 48.61 ? 5  DA  X OP2   1 
ATOM   86  O  "O5'" . DA  A 1 5  ? -4.344  -4.743 9.349   1.00 51.01 ? 5  DA  X "O5'" 1 
ATOM   87  C  "C5'" . DA  A 1 5  ? -4.967  -3.554 8.993   1.00 52.68 ? 5  DA  X "C5'" 1 
ATOM   88  C  "C4'" . DA  A 1 5  ? -6.338  -3.686 8.405   1.00 53.92 ? 5  DA  X "C4'" 1 
ATOM   89  O  "O4'" . DA  A 1 5  ? -6.626  -2.416 7.760   1.00 52.34 ? 5  DA  X "O4'" 1 
ATOM   90  C  "C3'" . DA  A 1 5  ? -6.405  -4.663 7.244   1.00 55.56 ? 5  DA  X "C3'" 1 
ATOM   91  O  "O3'" . DA  A 1 5  ? -7.767  -4.918 6.937   1.00 57.84 ? 5  DA  X "O3'" 1 
ATOM   92  C  "C2'" . DA  A 1 5  ? -5.723  -3.860 6.108   1.00 55.38 ? 5  DA  X "C2'" 1 
ATOM   93  C  "C1'" . DA  A 1 5  ? -6.103  -2.402 6.406   1.00 53.19 ? 5  DA  X "C1'" 1 
ATOM   94  N  N9    . DA  A 1 5  ? -4.998  -1.435 6.405   1.00 48.90 ? 5  DA  X N9    1 
ATOM   95  C  C8    . DA  A 1 5  ? -3.659  -1.630 6.417   1.00 46.94 ? 5  DA  X C8    1 
ATOM   96  N  N7    . DA  A 1 5  ? -2.992  -0.506 6.461   1.00 46.08 ? 5  DA  X N7    1 
ATOM   97  C  C5    . DA  A 1 5  ? -3.937  0.509  6.545   1.00 44.79 ? 5  DA  X C5    1 
ATOM   98  C  C6    . DA  A 1 5  ? -3.909  1.938  6.645   1.00 42.48 ? 5  DA  X C6    1 
ATOM   99  N  N6    . DA  A 1 5  ? -2.840  2.737  6.708   1.00 42.68 ? 5  DA  X N6    1 
ATOM   100 N  N1    . DA  A 1 5  ? -5.069  2.578  6.687   1.00 41.96 ? 5  DA  X N1    1 
ATOM   101 C  C2    . DA  A 1 5  ? -6.196  1.885  6.649   1.00 44.52 ? 5  DA  X C2    1 
ATOM   102 N  N3    . DA  A 1 5  ? -6.366  0.558  6.561   1.00 47.46 ? 5  DA  X N3    1 
ATOM   103 C  C4    . DA  A 1 5  ? -5.182  -0.077 6.502   1.00 46.92 ? 5  DA  X C4    1 
ATOM   104 P  P     . DG  A 1 6  ? -8.329  -5.908 5.802   1.00 59.71 ? 6  DG  X P     1 
ATOM   105 O  OP1   . DG  A 1 6  ? -9.684  -6.226 6.358   1.00 60.27 ? 6  DG  X OP1   1 
ATOM   106 O  OP2   . DG  A 1 6  ? -7.305  -6.875 5.349   1.00 58.69 ? 6  DG  X OP2   1 
ATOM   107 O  "O5'" . DG  A 1 6  ? -8.623  -5.052 4.483   1.00 58.98 ? 6  DG  X "O5'" 1 
ATOM   108 C  "C5'" . DG  A 1 6  ? -9.835  -4.374 4.393   1.00 58.85 ? 6  DG  X "C5'" 1 
ATOM   109 C  "C4'" . DG  A 1 6  ? -9.609  -3.330 3.331   1.00 57.44 ? 6  DG  X "C4'" 1 
ATOM   110 O  "O4'" . DG  A 1 6  ? -8.541  -2.422 3.685   1.00 52.99 ? 6  DG  X "O4'" 1 
ATOM   111 C  "C3'" . DG  A 1 6  ? -9.159  -4.001 2.055   1.00 58.62 ? 6  DG  X "C3'" 1 
ATOM   112 O  "O3'" . DG  A 1 6  ? -9.941  -3.394 1.046   1.00 61.57 ? 6  DG  X "O3'" 1 
ATOM   113 C  "C2'" . DG  A 1 6  ? -7.676  -3.652 1.945   1.00 55.95 ? 6  DG  X "C2'" 1 
ATOM   114 C  "C1'" . DG  A 1 6  ? -7.779  -2.261 2.549   1.00 52.20 ? 6  DG  X "C1'" 1 
ATOM   115 N  N9    . DG  A 1 6  ? -6.523  -1.588 2.770   1.00 48.69 ? 6  DG  X N9    1 
ATOM   116 C  C8    . DG  A 1 6  ? -5.257  -2.143 2.776   1.00 50.24 ? 6  DG  X C8    1 
ATOM   117 N  N7    . DG  A 1 6  ? -4.306  -1.250 2.969   1.00 50.36 ? 6  DG  X N7    1 
ATOM   118 C  C5    . DG  A 1 6  ? -5.016  -0.066 3.100   1.00 48.28 ? 6  DG  X C5    1 
ATOM   119 C  C6    . DG  A 1 6  ? -4.561  1.229  3.293   1.00 48.31 ? 6  DG  X C6    1 
ATOM   120 O  O6    . DG  A 1 6  ? -3.405  1.610  3.431   1.00 52.74 ? 6  DG  X O6    1 
ATOM   121 N  N1    . DG  A 1 6  ? -5.554  2.159  3.345   1.00 46.80 ? 6  DG  X N1    1 
ATOM   122 C  C2    . DG  A 1 6  ? -6.896  1.935  3.230   1.00 46.91 ? 6  DG  X C2    1 
ATOM   123 N  N2    . DG  A 1 6  ? -7.714  3.016  3.331   1.00 45.20 ? 6  DG  X N2    1 
ATOM   124 N  N3    . DG  A 1 6  ? -7.346  0.711  3.031   1.00 48.78 ? 6  DG  X N3    1 
ATOM   125 C  C4    . DG  A 1 6  ? -6.364  -0.243 2.971   1.00 48.29 ? 6  DG  X C4    1 
ATOM   126 P  P     . DA  A 1 7  ? -11.038 -4.295 0.316   1.00 61.39 ? 7  DA  X P     1 
ATOM   127 O  OP1   . DA  A 1 7  ? -12.020 -4.686 1.362   1.00 61.56 ? 7  DA  X OP1   1 
ATOM   128 O  OP2   . DA  A 1 7  ? -10.199 -5.200 -0.487  1.00 61.26 ? 7  DA  X OP2   1 
ATOM   129 O  "O5'" . DA  A 1 7  ? -11.640 -3.073 -0.522  1.00 62.01 ? 7  DA  X "O5'" 1 
ATOM   130 C  "C5'" . DA  A 1 7  ? -12.512 -2.154 0.070   1.00 61.67 ? 7  DA  X "C5'" 1 
ATOM   131 C  "C4'" . DA  A 1 7  ? -12.185 -0.779 -0.445  1.00 61.40 ? 7  DA  X "C4'" 1 
ATOM   132 O  "O4'" . DA  A 1 7  ? -10.882 -0.331 0.010   1.00 60.45 ? 7  DA  X "O4'" 1 
ATOM   133 C  "C3'" . DA  A 1 7  ? -12.114 -0.616 -1.959  1.00 60.92 ? 7  DA  X "C3'" 1 
ATOM   134 O  "O3'" . DA  A 1 7  ? -12.589 0.679  -2.214  1.00 62.31 ? 7  DA  X "O3'" 1 
ATOM   135 C  "C2'" . DA  A 1 7  ? -10.640 -0.625 -2.314  1.00 59.45 ? 7  DA  X "C2'" 1 
ATOM   136 C  "C1'" . DA  A 1 7  ? -10.092 0.118  -1.091  1.00 57.42 ? 7  DA  X "C1'" 1 
ATOM   137 N  N9    . DA  A 1 7  ? -8.657  -0.164 -0.870  1.00 50.70 ? 7  DA  X N9    1 
ATOM   138 C  C8    . DA  A 1 7  ? -8.063  -1.370 -0.969  1.00 49.39 ? 7  DA  X C8    1 
ATOM   139 N  N7    . DA  A 1 7  ? -6.785  -1.313 -0.744  1.00 48.64 ? 7  DA  X N7    1 
ATOM   140 C  C5    . DA  A 1 7  ? -6.517  0.005  -0.472  1.00 46.84 ? 7  DA  X C5    1 
ATOM   141 C  C6    . DA  A 1 7  ? -5.342  0.709  -0.153  1.00 44.69 ? 7  DA  X C6    1 
ATOM   142 N  N6    . DA  A 1 7  ? -4.145  0.150  -0.023  1.00 46.74 ? 7  DA  X N6    1 
ATOM   143 N  N1    . DA  A 1 7  ? -5.426  2.028  0.062   1.00 43.86 ? 7  DA  X N1    1 
ATOM   144 C  C2    . DA  A 1 7  ? -6.608  2.621  -0.034  1.00 45.68 ? 7  DA  X C2    1 
ATOM   145 N  N3    . DA  A 1 7  ? -7.778  2.066  -0.345  1.00 47.39 ? 7  DA  X N3    1 
ATOM   146 C  C4    . DA  A 1 7  ? -7.669  0.738  -0.551  1.00 48.09 ? 7  DA  X C4    1 
HETATM 147 N  N1    . BRU A 1 8  ? -7.239  2.362  -3.819  1.00 45.71 ? 8  BRU X N1    1 
HETATM 148 C  C2    . BRU A 1 8  ? -5.948  2.617  -3.463  1.00 43.36 ? 8  BRU X C2    1 
HETATM 149 N  N3    . BRU A 1 8  ? -5.106  1.582  -3.433  1.00 41.83 ? 8  BRU X N3    1 
HETATM 150 C  C4    . BRU A 1 8  ? -5.397  0.281  -3.704  1.00 44.38 ? 8  BRU X C4    1 
HETATM 151 C  C5    . BRU A 1 8  ? -6.777  0.055  -4.057  1.00 44.74 ? 8  BRU X C5    1 
HETATM 152 C  C6    . BRU A 1 8  ? -7.626  1.081  -4.098  1.00 44.65 ? 8  BRU X C6    1 
HETATM 153 O  O2    . BRU A 1 8  ? -5.494  3.684  -3.218  1.00 45.97 ? 8  BRU X O2    1 
HETATM 154 O  O4    . BRU A 1 8  ? -4.540  -0.605 -3.631  1.00 47.40 ? 8  BRU X O4    1 
HETATM 155 BR BR    . BRU A 1 8  ? -7.026  -1.699 -4.464  0.50 50.76 ? 8  BRU X BR    1 
HETATM 156 C  "C1'" . BRU A 1 8  ? -8.263  3.448  -3.904  1.00 51.82 ? 8  BRU X "C1'" 1 
HETATM 157 C  "C2'" . BRU A 1 8  ? -8.817  3.711  -5.316  1.00 53.95 ? 8  BRU X "C2'" 1 
HETATM 158 C  "C3'" . BRU A 1 8  ? -10.200 4.303  -5.045  1.00 55.61 ? 8  BRU X "C3'" 1 
HETATM 159 C  "C4'" . BRU A 1 8  ? -10.494 3.902  -3.603  1.00 56.78 ? 8  BRU X "C4'" 1 
HETATM 160 O  "O3'" . BRU A 1 8  ? -10.164 5.701  -5.059  1.00 57.00 ? 8  BRU X "O3'" 1 
HETATM 161 O  "O4'" . BRU A 1 8  ? -9.409  3.029  -3.200  1.00 53.97 ? 8  BRU X "O4'" 1 
HETATM 162 C  "C5'" . BRU A 1 8  ? -11.849 3.250  -3.401  1.00 60.17 ? 8  BRU X "C5'" 1 
HETATM 163 O  "O5'" . BRU A 1 8  ? -11.920 2.000  -4.114  1.00 61.72 ? 8  BRU X "O5'" 1 
HETATM 164 P  P     . BRU A 1 8  ? -13.075 1.017  -3.672  1.00 62.58 ? 8  BRU X P     1 
HETATM 165 O  OP1   . BRU A 1 8  ? -14.217 1.942  -3.491  1.00 64.76 ? 8  BRU X OP1   1 
HETATM 166 O  OP2   . BRU A 1 8  ? -13.090 -0.240 -4.463  1.00 62.45 ? 8  BRU X OP2   1 
ATOM   167 P  P     . DG  A 1 9  ? -10.433 6.395  -6.436  1.00 56.98 ? 9  DG  X P     1 
ATOM   168 O  OP1   . DG  A 1 9  ? -11.000 7.770  -6.254  1.00 59.41 ? 9  DG  X OP1   1 
ATOM   169 O  OP2   . DG  A 1 9  ? -11.233 5.361  -7.104  1.00 57.57 ? 9  DG  X OP2   1 
ATOM   170 O  "O5'" . DG  A 1 9  ? -8.939  6.539  -6.985  1.00 53.03 ? 9  DG  X "O5'" 1 
ATOM   171 C  "C5'" . DG  A 1 9  ? -8.018  7.432  -6.441  1.00 50.20 ? 9  DG  X "C5'" 1 
ATOM   172 C  "C4'" . DG  A 1 9  ? -6.704  7.229  -7.159  1.00 50.24 ? 9  DG  X "C4'" 1 
ATOM   173 O  "O4'" . DG  A 1 9  ? -6.168  5.930  -6.838  1.00 48.97 ? 9  DG  X "O4'" 1 
ATOM   174 C  "C3'" . DG  A 1 9  ? -6.840  7.165  -8.701  1.00 50.44 ? 9  DG  X "C3'" 1 
ATOM   175 O  "O3'" . DG  A 1 9  ? -5.734  7.742  -9.288  1.00 52.18 ? 9  DG  X "O3'" 1 
ATOM   176 C  "C2'" . DG  A 1 9  ? -7.009  5.683  -9.058  1.00 46.20 ? 9  DG  X "C2'" 1 
ATOM   177 C  "C1'" . DG  A 1 9  ? -5.957  5.222  -8.040  1.00 45.82 ? 9  DG  X "C1'" 1 
ATOM   178 N  N9    . DG  A 1 9  ? -5.972  3.781  -7.803  1.00 40.85 ? 9  DG  X N9    1 
ATOM   179 C  C8    . DG  A 1 9  ? -6.979  2.860  -7.999  1.00 39.93 ? 9  DG  X C8    1 
ATOM   180 N  N7    . DG  A 1 9  ? -6.645  1.663  -7.670  1.00 39.26 ? 9  DG  X N7    1 
ATOM   181 C  C5    . DG  A 1 9  ? -5.306  1.827  -7.290  1.00 38.51 ? 9  DG  X C5    1 
ATOM   182 C  C6    . DG  A 1 9  ? -4.332  0.908  -6.844  1.00 38.63 ? 9  DG  X C6    1 
ATOM   183 O  O6    . DG  A 1 9  ? -4.510  -0.286 -6.725  1.00 40.21 ? 9  DG  X O6    1 
ATOM   184 N  N1    . DG  A 1 9  ? -3.086  1.483  -6.561  1.00 36.80 ? 9  DG  X N1    1 
ATOM   185 C  C2    . DG  A 1 9  ? -2.813  2.824  -6.678  1.00 33.71 ? 9  DG  X C2    1 
ATOM   186 N  N2    . DG  A 1 9  ? -1.637  3.304  -6.394  1.00 31.30 ? 9  DG  X N2    1 
ATOM   187 N  N3    . DG  A 1 9  ? -3.711  3.693  -7.037  1.00 36.01 ? 9  DG  X N3    1 
ATOM   188 C  C4    . DG  A 1 9  ? -4.910  3.117  -7.350  1.00 38.09 ? 9  DG  X C4    1 
ATOM   189 P  P     . DG  A 1 10 ? -5.955  9.129  -10.038 1.00 54.62 ? 10 DG  X P     1 
ATOM   190 O  OP1   . DG  A 1 10 ? -6.343  10.102 -8.993  1.00 56.72 ? 10 DG  X OP1   1 
ATOM   191 O  OP2   . DG  A 1 10 ? -6.825  8.721  -11.188 1.00 56.19 ? 10 DG  X OP2   1 
ATOM   192 O  "O5'" . DG  A 1 10 ? -4.466  9.524  -10.419 1.00 49.89 ? 10 DG  X "O5'" 1 
ATOM   193 C  "C5'" . DG  A 1 10 ? -3.438  9.575  -9.499  1.00 45.83 ? 10 DG  X "C5'" 1 
ATOM   194 C  "C4'" . DG  A 1 10 ? -2.153  8.960  -10.064 1.00 43.33 ? 10 DG  X "C4'" 1 
ATOM   195 O  "O4'" . DG  A 1 10 ? -2.112  7.536  -9.810  1.00 40.41 ? 10 DG  X "O4'" 1 
ATOM   196 C  "C3'" . DG  A 1 10 ? -1.851  9.043  -11.551 1.00 42.38 ? 10 DG  X "C3'" 1 
ATOM   197 O  "O3'" . DG  A 1 10 ? -0.453  9.133  -11.664 1.00 42.69 ? 10 DG  X "O3'" 1 
ATOM   198 C  "C2'" . DG  A 1 10 ? -2.340  7.712  -12.101 1.00 41.02 ? 10 DG  X "C2'" 1 
ATOM   199 C  "C1'" . DG  A 1 10 ? -1.921  6.778  -10.965 1.00 38.19 ? 10 DG  X "C1'" 1 
ATOM   200 N  N9    . DG  A 1 10 ? -2.756  5.570  -10.859 1.00 36.17 ? 10 DG  X N9    1 
ATOM   201 C  C8    . DG  A 1 10 ? -4.081  5.417  -11.208 1.00 32.25 ? 10 DG  X C8    1 
ATOM   202 N  N7    . DG  A 1 10 ? -4.516  4.198  -10.992 1.00 31.27 ? 10 DG  X N7    1 
ATOM   203 C  C5    . DG  A 1 10 ? -3.442  3.474  -10.504 1.00 33.92 ? 10 DG  X C5    1 
ATOM   204 C  C6    . DG  A 1 10 ? -3.300  2.079  -10.148 1.00 33.86 ? 10 DG  X C6    1 
ATOM   205 O  O6    . DG  A 1 10 ? -4.129  1.172  -10.147 1.00 32.49 ? 10 DG  X O6    1 
ATOM   206 N  N1    . DG  A 1 10 ? -2.033  1.767  -9.739  1.00 32.93 ? 10 DG  X N1    1 
ATOM   207 C  C2    . DG  A 1 10 ? -1.013  2.681  -9.695  1.00 35.39 ? 10 DG  X C2    1 
ATOM   208 N  N2    . DG  A 1 10 ? 0.170   2.174  -9.275  1.00 38.48 ? 10 DG  X N2    1 
ATOM   209 N  N3    . DG  A 1 10 ? -1.099  3.981  -10.028 1.00 35.19 ? 10 DG  X N3    1 
ATOM   210 C  C4    . DG  A 1 10 ? -2.337  4.305  -10.423 1.00 35.29 ? 10 DG  X C4    1 
ATOM   211 P  P     . DG  A 1 11 ? 0.274   9.412  -13.044 1.00 43.61 ? 11 DG  X P     1 
ATOM   212 O  OP1   . DG  A 1 11 ? 1.575   9.919  -12.635 1.00 44.88 ? 11 DG  X OP1   1 
ATOM   213 O  OP2   . DG  A 1 11 ? -0.688  10.077 -13.971 1.00 42.01 ? 11 DG  X OP2   1 
ATOM   214 O  "O5'" . DG  A 1 11 ? 0.605   7.968  -13.624 1.00 41.80 ? 11 DG  X "O5'" 1 
ATOM   215 C  "C5'" . DG  A 1 11 ? 1.459   7.017  -12.932 1.00 38.39 ? 11 DG  X "C5'" 1 
ATOM   216 C  "C4'" . DG  A 1 11 ? 1.439   5.727  -13.724 1.00 35.05 ? 11 DG  X "C4'" 1 
ATOM   217 O  "O4'" . DG  A 1 11 ? 0.084   5.269  -13.794 1.00 33.12 ? 11 DG  X "O4'" 1 
ATOM   218 C  "C3'" . DG  A 1 11 ? 1.811   5.820  -15.203 1.00 34.86 ? 11 DG  X "C3'" 1 
ATOM   219 O  "O3'" . DG  A 1 11 ? 2.409   4.594  -15.538 1.00 35.63 ? 11 DG  X "O3'" 1 
ATOM   220 C  "C2'" . DG  A 1 11 ? 0.490   5.952  -15.909 1.00 31.50 ? 11 DG  X "C2'" 1 
ATOM   221 C  "C1'" . DG  A 1 11 ? -0.384  5.016  -15.091 1.00 31.48 ? 11 DG  X "C1'" 1 
ATOM   222 N  N9    . DG  A 1 11 ? -1.852  5.312  -15.119 1.00 30.56 ? 11 DG  X N9    1 
ATOM   223 C  C8    . DG  A 1 11 ? -2.426  6.479  -15.511 1.00 29.97 ? 11 DG  X C8    1 
ATOM   224 N  N7    . DG  A 1 11 ? -3.719  6.482  -15.459 1.00 31.70 ? 11 DG  X N7    1 
ATOM   225 C  C5    . DG  A 1 11 ? -4.055  5.250  -14.952 1.00 32.30 ? 11 DG  X C5    1 
ATOM   226 C  C6    . DG  A 1 11 ? -5.299  4.680  -14.617 1.00 32.82 ? 11 DG  X C6    1 
ATOM   227 O  O6    . DG  A 1 11 ? -6.455  5.092  -14.725 1.00 37.38 ? 11 DG  X O6    1 
ATOM   228 N  N1    . DG  A 1 11 ? -5.220  3.407  -14.149 1.00 31.23 ? 11 DG  X N1    1 
ATOM   229 C  C2    . DG  A 1 11 ? -4.032  2.745  -13.935 1.00 33.03 ? 11 DG  X C2    1 
ATOM   230 N  N2    . DG  A 1 11 ? -4.175  1.538  -13.429 1.00 34.17 ? 11 DG  X N2    1 
ATOM   231 N  N3    . DG  A 1 11 ? -2.828  3.220  -14.243 1.00 32.53 ? 11 DG  X N3    1 
ATOM   232 C  C4    . DG  A 1 11 ? -2.894  4.510  -14.742 1.00 32.38 ? 11 DG  X C4    1 
ATOM   233 P  P     . DA  A 1 12 ? 3.658   4.533  -16.489 1.00 35.59 ? 12 DA  X P     1 
ATOM   234 O  OP1   . DA  A 1 12 ? 4.413   5.753  -16.329 1.00 36.14 ? 12 DA  X OP1   1 
ATOM   235 O  OP2   . DA  A 1 12 ? 3.189   4.155  -17.781 1.00 35.30 ? 12 DA  X OP2   1 
ATOM   236 O  "O5'" . DA  A 1 12 ? 4.253   3.201  -15.924 1.00 37.96 ? 12 DA  X "O5'" 1 
ATOM   237 C  "C5'" . DA  A 1 12 ? 4.869   3.136  -14.651 1.00 39.46 ? 12 DA  X "C5'" 1 
ATOM   238 C  "C4'" . DA  A 1 12 ? 4.981   1.656  -14.271 1.00 38.47 ? 12 DA  X "C4'" 1 
ATOM   239 O  "O4'" . DA  A 1 12 ? 3.665   1.105  -14.102 1.00 35.66 ? 12 DA  X "O4'" 1 
ATOM   240 C  "C3'" . DA  A 1 12 ? 5.689   0.720  -15.224 1.00 39.31 ? 12 DA  X "C3'" 1 
ATOM   241 O  "O3'" . DA  A 1 12 ? 6.239   -0.210 -14.345 1.00 45.38 ? 12 DA  X "O3'" 1 
ATOM   242 C  "C2'" . DA  A 1 12 ? 4.573   0.030  -15.972 1.00 35.45 ? 12 DA  X "C2'" 1 
ATOM   243 C  "C1'" . DA  A 1 12 ? 3.508   -0.055 -14.859 1.00 35.15 ? 12 DA  X "C1'" 1 
ATOM   244 N  N9    . DA  A 1 12 ? 2.097   -0.020 -15.336 1.00 32.29 ? 12 DA  X N9    1 
ATOM   245 C  C8    . DA  A 1 12 ? 1.366   1.054  -15.659 1.00 29.14 ? 12 DA  X C8    1 
ATOM   246 N  N7    . DA  A 1 12 ? 0.184   0.725  -16.068 1.00 27.94 ? 12 DA  X N7    1 
ATOM   247 C  C5    . DA  A 1 12 ? 0.063   -0.621 -15.991 1.00 27.55 ? 12 DA  X C5    1 
ATOM   248 C  C6    . DA  A 1 12 ? -0.945  -1.561 -16.233 1.00 28.98 ? 12 DA  X C6    1 
ATOM   249 N  N6    . DA  A 1 12 ? -2.188  -1.312 -16.650 1.00 31.92 ? 12 DA  X N6    1 
ATOM   250 N  N1    . DA  A 1 12 ? -0.672  -2.863 -16.037 1.00 30.66 ? 12 DA  X N1    1 
ATOM   251 C  C2    . DA  A 1 12 ? 0.568   -3.160 -15.598 1.00 30.86 ? 12 DA  X C2    1 
ATOM   252 N  N3    . DA  A 1 12 ? 1.560   -2.363 -15.331 1.00 28.81 ? 12 DA  X N3    1 
ATOM   253 C  C4    . DA  A 1 12 ? 1.254   -1.110 -15.531 1.00 29.76 ? 12 DA  X C4    1 
ATOM   254 P  P     . DG  A 1 13 ? 7.849   -0.437 -14.125 1.00 50.88 ? 13 DG  X P     1 
ATOM   255 O  OP1   . DG  A 1 13 ? 7.860   -1.749 -13.480 1.00 51.48 ? 13 DG  X OP1   1 
ATOM   256 O  OP2   . DG  A 1 13 ? 8.219   0.880  -13.595 1.00 50.22 ? 13 DG  X OP2   1 
ATOM   257 O  "O5'" . DG  A 1 13 ? 8.371   -0.541 -15.647 1.00 51.49 ? 13 DG  X "O5'" 1 
HETATM 258 MG MG    . MG  B 2 .  ? 5.783   -8.253 14.635  1.00 55.18 ? 51 MG  X MG    1 
HETATM 259 O  O     . HOH C 3 .  ? 16.315  -3.203 5.900   1.00 37.13 ? 52 HOH X O     1 
HETATM 260 O  O     . HOH C 3 .  ? -5.755  -0.615 11.549  1.00 38.58 ? 53 HOH X O     1 
HETATM 261 O  O     . HOH C 3 .  ? 8.805   -3.564 0.537   1.00 31.41 ? 54 HOH X O     1 
HETATM 262 O  O     . HOH C 3 .  ? 0.910   3.768  -19.022 1.00 31.81 ? 55 HOH X O     1 
HETATM 263 O  O     . HOH C 3 .  ? 7.197   -5.357 16.936  1.00 46.36 ? 56 HOH X O     1 
HETATM 264 O  O     . HOH C 3 .  ? -2.115  -5.060 -16.079 1.00 33.38 ? 57 HOH X O     1 
HETATM 265 O  O     . HOH C 3 .  ? 6.892   -2.246 14.436  1.00 45.34 ? 58 HOH X O     1 
HETATM 266 O  O     . HOH C 3 .  ? -6.302  0.453  -11.763 1.00 32.16 ? 59 HOH X O     1 
HETATM 267 O  O     . HOH C 3 .  ? -5.911  -2.056 -8.441  1.00 42.44 ? 60 HOH X O     1 
HETATM 268 O  O     . HOH C 3 .  ? 1.091   5.562  -9.134  1.00 41.65 ? 61 HOH X O     1 
HETATM 269 O  O     . HOH C 3 .  ? -2.782  -2.492 -0.435  1.00 46.06 ? 62 HOH X O     1 
HETATM 270 O  O     . HOH C 3 .  ? 20.606  -4.898 11.310  1.00 51.10 ? 63 HOH X O     1 
HETATM 271 O  O     . HOH C 3 .  ? 4.079   -1.131 4.442   1.00 45.29 ? 64 HOH X O     1 
HETATM 272 O  O     . HOH C 3 .  ? 17.584  -7.944 10.053  1.00 44.22 ? 65 HOH X O     1 
HETATM 273 O  O     . HOH C 3 .  ? 6.601   -1.776 -0.959  1.00 44.98 ? 66 HOH X O     1 
HETATM 274 O  O     . HOH C 3 .  ? 3.096   -0.144 12.940  1.00 53.23 ? 67 HOH X O     1 
HETATM 275 O  O     . HOH C 3 .  ? -5.142  8.500  -16.404 1.00 49.13 ? 68 HOH X O     1 
HETATM 276 O  O     . HOH C 3 .  ? -0.613  -7.489 -15.391 1.00 45.71 ? 69 HOH X O     1 
HETATM 277 O  O     . HOH C 3 .  ? 15.788  -8.168 12.154  1.00 44.94 ? 70 HOH X O     1 
HETATM 278 O  O     . HOH C 3 .  ? 4.874   -8.017 12.690  1.00 49.09 ? 71 HOH X O     1 
HETATM 279 O  O     . HOH C 3 .  ? 6.732   -8.509 16.567  1.00 56.23 ? 72 HOH X O     1 
HETATM 280 O  O     . HOH C 3 .  ? 6.004   -6.118 14.937  1.00 53.40 ? 73 HOH X O     1 
HETATM 281 O  O     . HOH C 3 .  ? 7.617   -8.424 13.499  1.00 49.40 ? 74 HOH X O     1 
# 
loop_
_atom_site_anisotrop.id 
_atom_site_anisotrop.type_symbol 
_atom_site_anisotrop.pdbx_label_atom_id 
_atom_site_anisotrop.pdbx_label_alt_id 
_atom_site_anisotrop.pdbx_label_comp_id 
_atom_site_anisotrop.pdbx_label_asym_id 
_atom_site_anisotrop.pdbx_label_seq_id 
_atom_site_anisotrop.pdbx_PDB_ins_code 
_atom_site_anisotrop.U[1][1] 
_atom_site_anisotrop.U[2][2] 
_atom_site_anisotrop.U[3][3] 
_atom_site_anisotrop.U[1][2] 
_atom_site_anisotrop.U[1][3] 
_atom_site_anisotrop.U[2][3] 
_atom_site_anisotrop.pdbx_auth_seq_id 
_atom_site_anisotrop.pdbx_auth_comp_id 
_atom_site_anisotrop.pdbx_auth_asym_id 
_atom_site_anisotrop.pdbx_auth_atom_id 
1   O  "O5'" . DG  A 1  ? 0.5198 0.4889 0.4444 0.0452  -0.0855 0.0288  1  DG  X "O5'" 
2   C  "C5'" . DG  A 1  ? 0.5240 0.5178 0.4874 0.0286  -0.0547 0.0041  1  DG  X "C5'" 
3   C  "C4'" . DG  A 1  ? 0.5130 0.5342 0.4938 -0.0066 -0.0846 0.0067  1  DG  X "C4'" 
4   O  "O4'" . DG  A 1  ? 0.5217 0.5181 0.4853 -0.0123 -0.1222 0.0053  1  DG  X "O4'" 
5   C  "C3'" . DG  A 1  ? 0.5234 0.5298 0.4960 -0.0029 -0.0693 0.0001  1  DG  X "C3'" 
6   O  "O3'" . DG  A 1  ? 0.5370 0.5948 0.4903 0.0075  -0.0585 -0.0317 1  DG  X "O3'" 
7   C  "C2'" . DG  A 1  ? 0.5140 0.4652 0.4971 0.0035  -0.0559 -0.0176 1  DG  X "C2'" 
8   C  "C1'" . DG  A 1  ? 0.4870 0.4898 0.4546 -0.0367 -0.0611 -0.0161 1  DG  X "C1'" 
9   N  N9    . DG  A 1  ? 0.4463 0.4376 0.4588 -0.0393 -0.0586 -0.0311 1  DG  X N9    
10  C  C8    . DG  A 1  ? 0.4373 0.4467 0.4637 -0.0367 -0.0530 -0.0211 1  DG  X C8    
11  N  N7    . DG  A 1  ? 0.4574 0.4297 0.4493 -0.0095 -0.0436 -0.0631 1  DG  X N7    
12  C  C5    . DG  A 1  ? 0.4360 0.4142 0.4038 -0.0382 -0.0623 -0.0580 1  DG  X C5    
13  C  C6    . DG  A 1  ? 0.4433 0.4213 0.4141 -0.0550 -0.0463 -0.0317 1  DG  X C6    
14  O  O6    . DG  A 1  ? 0.3991 0.5015 0.4570 -0.0746 0.0085  -0.0169 1  DG  X O6    
15  N  N1    . DG  A 1  ? 0.4308 0.4677 0.4522 -0.0483 -0.0689 -0.0268 1  DG  X N1    
16  C  C2    . DG  A 1  ? 0.4457 0.4627 0.4429 -0.0189 -0.0491 -0.0272 1  DG  X C2    
17  N  N2    . DG  A 1  ? 0.5354 0.5325 0.4443 0.0312  -0.0380 0.0344  1  DG  X N2    
18  N  N3    . DG  A 1  ? 0.4647 0.4380 0.3938 -0.0531 -0.0390 -0.0231 1  DG  X N3    
19  C  C4    . DG  A 1  ? 0.4568 0.4248 0.4401 -0.0459 -0.0427 -0.0318 1  DG  X C4    
20  P  P     . DG  A 2  ? 0.5143 0.5990 0.4866 0.0196  -0.0702 -0.0137 2  DG  X P     
21  O  OP1   . DG  A 2  ? 0.5595 0.6610 0.4414 0.0264  -0.0504 -0.0369 2  DG  X OP1   
22  O  OP2   . DG  A 2  ? 0.4369 0.5843 0.3867 0.0249  -0.1229 0.0735  2  DG  X OP2   
23  O  "O5'" . DG  A 2  ? 0.4564 0.5340 0.5007 0.0200  -0.0631 0.0129  2  DG  X "O5'" 
24  C  "C5'" . DG  A 2  ? 0.3747 0.4883 0.4861 -0.0083 -0.0635 -0.0235 2  DG  X "C5'" 
25  C  "C4'" . DG  A 2  ? 0.4006 0.4545 0.4821 0.0043  -0.0666 -0.0201 2  DG  X "C4'" 
26  O  "O4'" . DG  A 2  ? 0.3986 0.4245 0.4880 0.0479  -0.0909 -0.0161 2  DG  X "O4'" 
27  C  "C3'" . DG  A 2  ? 0.4311 0.4105 0.4601 0.0293  -0.0564 -0.0200 2  DG  X "C3'" 
28  O  "O3'" . DG  A 2  ? 0.3869 0.4341 0.4476 -0.0023 -0.0617 -0.0437 2  DG  X "O3'" 
29  C  "C2'" . DG  A 2  ? 0.3699 0.4229 0.4488 0.0516  -0.0856 0.0099  2  DG  X "C2'" 
30  C  "C1'" . DG  A 2  ? 0.3951 0.4056 0.4492 0.0583  -0.0717 0.0081  2  DG  X "C1'" 
31  N  N9    . DG  A 2  ? 0.3874 0.4277 0.4049 0.0501  -0.0720 0.0070  2  DG  X N9    
32  C  C8    . DG  A 2  ? 0.3699 0.4074 0.4439 0.0548  -0.0922 -0.0294 2  DG  X C8    
33  N  N7    . DG  A 2  ? 0.3978 0.4078 0.4373 0.0478  -0.0585 -0.0383 2  DG  X N7    
34  C  C5    . DG  A 2  ? 0.3862 0.3866 0.4526 0.0321  -0.0504 -0.0350 2  DG  X C5    
35  C  C6    . DG  A 2  ? 0.3971 0.4086 0.4786 0.0378  -0.0349 -0.0285 2  DG  X C6    
36  O  O6    . DG  A 2  ? 0.3628 0.4320 0.6033 0.0200  -0.0537 -0.0095 2  DG  X O6    
37  N  N1    . DG  A 2  ? 0.3971 0.3984 0.4859 0.0302  -0.0417 -0.0231 2  DG  X N1    
38  C  C2    . DG  A 2  ? 0.4230 0.3424 0.4446 0.0425  -0.0158 -0.0567 2  DG  X C2    
39  N  N2    . DG  A 2  ? 0.4376 0.3677 0.4479 0.0159  -0.0391 -0.0515 2  DG  X N2    
40  N  N3    . DG  A 2  ? 0.4040 0.3344 0.4330 0.0441  -0.0345 -0.0365 2  DG  X N3    
41  C  C4    . DG  A 2  ? 0.3812 0.3846 0.4451 0.0285  -0.0527 -0.0120 2  DG  X C4    
42  P  P     . DA  A 3  ? 0.3769 0.4681 0.4508 0.0128  -0.0739 -0.0556 3  DA  X P     
43  O  OP1   . DA  A 3  ? 0.4215 0.5084 0.4705 0.0422  -0.0512 -0.0448 3  DA  X OP1   
44  O  OP2   . DA  A 3  ? 0.4093 0.4422 0.4901 0.0271  -0.0468 -0.0478 3  DA  X OP2   
45  O  "O5'" . DA  A 3  ? 0.3478 0.4452 0.4746 -0.0177 -0.0447 -0.0332 3  DA  X "O5'" 
46  C  "C5'" . DA  A 3  ? 0.3771 0.4145 0.4698 0.0426  -0.0359 -0.0423 3  DA  X "C5'" 
47  C  "C4'" . DA  A 3  ? 0.3868 0.4457 0.4425 0.0512  -0.0239 -0.0376 3  DA  X "C4'" 
48  O  "O4'" . DA  A 3  ? 0.3872 0.4178 0.4329 0.0796  -0.0445 -0.0581 3  DA  X "O4'" 
49  C  "C3'" . DA  A 3  ? 0.4138 0.3872 0.4406 0.0763  -0.0537 -0.0783 3  DA  X "C3'" 
50  O  "O3'" . DA  A 3  ? 0.4395 0.4376 0.4211 0.0882  -0.0616 -0.0279 3  DA  X "O3'" 
51  C  "C2'" . DA  A 3  ? 0.3500 0.3198 0.4065 0.0745  -0.0202 -0.0352 3  DA  X "C2'" 
52  C  "C1'" . DA  A 3  ? 0.3424 0.3212 0.4282 0.0520  -0.0173 -0.0524 3  DA  X "C1'" 
53  N  N9    . DA  A 3  ? 0.3207 0.2923 0.3894 0.0420  -0.0299 -0.0199 3  DA  X N9    
54  C  C8    . DA  A 3  ? 0.3383 0.2693 0.4121 0.0368  0.0202  0.0416  3  DA  X C8    
55  N  N7    . DA  A 3  ? 0.3601 0.3591 0.4162 0.0674  -0.0093 0.0123  3  DA  X N7    
56  C  C5    . DA  A 3  ? 0.3188 0.3089 0.4047 0.0522  -0.0388 -0.0193 3  DA  X C5    
57  C  C6    . DA  A 3  ? 0.3468 0.2907 0.3993 0.0511  -0.0468 -0.0389 3  DA  X C6    
58  N  N6    . DA  A 3  ? 0.3558 0.2848 0.4270 0.0693  -0.0715 -0.0239 3  DA  X N6    
59  N  N1    . DA  A 3  ? 0.3248 0.2741 0.4523 0.0909  -0.0685 -0.0388 3  DA  X N1    
60  C  C2    . DA  A 3  ? 0.2878 0.3018 0.4299 0.0546  0.0018  -0.0851 3  DA  X C2    
61  N  N3    . DA  A 3  ? 0.3124 0.2619 0.3994 0.1027  -0.0230 -0.0666 3  DA  X N3    
62  C  C4    . DA  A 3  ? 0.3188 0.2613 0.3852 0.0488  -0.0367 -0.0534 3  DA  X C4    
63  BR BR    . CBR A 4  ? 0.5144 0.6106 0.7169 0.1557  0.0920  0.0015  4  CBR X BR    
64  P  P     . CBR A 4  ? 0.4773 0.4496 0.5170 0.1226  -0.0334 -0.0396 4  CBR X P     
65  O  OP1   . CBR A 4  ? 0.5605 0.4907 0.5631 0.1262  -0.0655 -0.0124 4  CBR X OP1   
66  O  OP2   . CBR A 4  ? 0.4140 0.4999 0.5282 0.1231  -0.0314 -0.0346 4  CBR X OP2   
67  O  "O5'" . CBR A 4  ? 0.4454 0.4202 0.5504 0.1448  0.0163  -0.0986 4  CBR X "O5'" 
68  N  N1    . CBR A 4  ? 0.4882 0.5055 0.4447 0.0229  0.0068  -0.0486 4  CBR X N1    
69  C  C6    . CBR A 4  ? 0.4976 0.4895 0.3829 0.0102  0.0154  -0.0401 4  CBR X C6    
70  C  C2    . CBR A 4  ? 0.5216 0.4861 0.4369 0.0345  0.0015  -0.0375 4  CBR X C2    
71  O  O2    . CBR A 4  ? 0.5059 0.4946 0.4970 0.0533  -0.0100 -0.0696 4  CBR X O2    
72  N  N3    . CBR A 4  ? 0.5023 0.4906 0.4169 0.0138  -0.0050 -0.0052 4  CBR X N3    
73  C  C4    . CBR A 4  ? 0.5001 0.4798 0.4076 0.0170  -0.0114 -0.0333 4  CBR X C4    
74  N  N4    . CBR A 4  ? 0.5153 0.4798 0.4943 0.0377  0.0177  -0.0356 4  CBR X N4    
75  C  C5    . CBR A 4  ? 0.4829 0.4788 0.4027 0.0209  0.0149  -0.0480 4  CBR X C5    
76  C  "C2'" . CBR A 4  ? 0.5236 0.5187 0.5161 0.0403  -0.0139 -0.0439 4  CBR X "C2'" 
77  C  "C5'" . CBR A 4  ? 0.4844 0.4533 0.4774 0.1263  0.0009  -0.0700 4  CBR X "C5'" 
78  C  "C4'" . CBR A 4  ? 0.5102 0.5177 0.5466 0.0586  -0.0031 -0.0340 4  CBR X "C4'" 
79  O  "O4'" . CBR A 4  ? 0.5010 0.5448 0.5335 0.0529  -0.0014 -0.0301 4  CBR X "O4'" 
80  C  "C1'" . CBR A 4  ? 0.5045 0.5045 0.5055 0.0540  0.0060  -0.0347 4  CBR X "C1'" 
81  C  "C3'" . CBR A 4  ? 0.5412 0.5286 0.5349 0.0508  -0.0178 -0.0339 4  CBR X "C3'" 
82  O  "O3'" . CBR A 4  ? 0.6147 0.5417 0.5975 0.0321  -0.0042 -0.0092 4  CBR X "O3'" 
83  P  P     . DA  A 5  ? 0.6415 0.5472 0.6462 0.0156  0.0231  -0.0265 5  DA  X P     
84  O  OP1   . DA  A 5  ? 0.6482 0.5615 0.7120 0.0020  0.0082  -0.0012 5  DA  X OP1   
85  O  OP2   . DA  A 5  ? 0.6654 0.5454 0.6359 0.0345  0.0016  -0.0087 5  DA  X OP2   
86  O  "O5'" . DA  A 5  ? 0.6602 0.6116 0.6661 -0.0033 -0.0252 -0.0587 5  DA  X "O5'" 
87  C  "C5'" . DA  A 5  ? 0.7185 0.5946 0.6882 -0.0181 -0.0203 -0.0319 5  DA  X "C5'" 
88  C  "C4'" . DA  A 5  ? 0.7085 0.6716 0.6683 -0.0244 -0.0037 -0.0141 5  DA  X "C4'" 
89  O  "O4'" . DA  A 5  ? 0.7092 0.6322 0.6471 -0.0221 0.0312  -0.0574 5  DA  X "O4'" 
90  C  "C3'" . DA  A 5  ? 0.7475 0.6855 0.6779 -0.0222 0.0186  -0.0203 5  DA  X "C3'" 
91  O  "O3'" . DA  A 5  ? 0.7597 0.7321 0.7058 -0.0486 0.0106  -0.0004 5  DA  X "O3'" 
92  C  "C2'" . DA  A 5  ? 0.7447 0.6777 0.6816 -0.0085 0.0294  -0.0198 5  DA  X "C2'" 
93  C  "C1'" . DA  A 5  ? 0.7175 0.6638 0.6393 -0.0382 0.0239  -0.0241 5  DA  X "C1'" 
94  N  N9    . DA  A 5  ? 0.6664 0.6315 0.5598 0.0012  0.0403  -0.0365 5  DA  X N9    
95  C  C8    . DA  A 5  ? 0.6618 0.6100 0.5113 0.0101  0.0271  -0.0432 5  DA  X C8    
96  N  N7    . DA  A 5  ? 0.6333 0.6207 0.4964 0.0153  0.0151  -0.0223 5  DA  X N7    
97  C  C5    . DA  A 5  ? 0.6293 0.6049 0.4675 0.0045  0.0303  0.0021  5  DA  X C5    
98  C  C6    . DA  A 5  ? 0.5912 0.5994 0.4234 -0.0038 0.0404  0.0063  5  DA  X C6    
99  N  N6    . DA  A 5  ? 0.5735 0.6343 0.4136 -0.0058 0.0401  -0.0108 5  DA  X N6    
100 N  N1    . DA  A 5  ? 0.6005 0.5584 0.4350 -0.0030 0.0245  0.0067  5  DA  X N1    
101 C  C2    . DA  A 5  ? 0.6025 0.6088 0.4801 -0.0145 0.0271  0.0054  5  DA  X C2    
102 N  N3    . DA  A 5  ? 0.6501 0.6088 0.5440 0.0132  0.0269  0.0092  5  DA  X N3    
103 C  C4    . DA  A 5  ? 0.6336 0.6240 0.5248 -0.0012 0.0268  0.0064  5  DA  X C4    
104 P  P     . DG  A 6  ? 0.7922 0.7671 0.7091 -0.0491 -0.0293 0.0032  6  DG  X P     
105 O  OP1   . DG  A 6  ? 0.7888 0.8104 0.6906 -0.0529 -0.0384 0.0054  6  DG  X OP1   
106 O  OP2   . DG  A 6  ? 0.7976 0.7433 0.6890 -0.0288 -0.0542 0.0192  6  DG  X OP2   
107 O  "O5'" . DG  A 6  ? 0.7775 0.7406 0.7227 -0.0285 -0.0235 0.0001  6  DG  X "O5'" 
108 C  "C5'" . DG  A 6  ? 0.7749 0.7530 0.7079 -0.0293 -0.0389 -0.0026 6  DG  X "C5'" 
109 C  "C4'" . DG  A 6  ? 0.7455 0.7624 0.6743 -0.0476 -0.0312 -0.0195 6  DG  X "C4'" 
110 O  "O4'" . DG  A 6  ? 0.7025 0.7379 0.5727 -0.0159 -0.0357 -0.0124 6  DG  X "O4'" 
111 C  "C3'" . DG  A 6  ? 0.7456 0.7851 0.6962 -0.0304 -0.0248 -0.0315 6  DG  X "C3'" 
112 O  "O3'" . DG  A 6  ? 0.7754 0.8204 0.7434 -0.0409 -0.0703 -0.0235 6  DG  X "O3'" 
113 C  "C2'" . DG  A 6  ? 0.7343 0.7272 0.6642 -0.0151 -0.0390 -0.0234 6  DG  X "C2'" 
114 C  "C1'" . DG  A 6  ? 0.6800 0.7187 0.5846 -0.0109 -0.0335 -0.0031 6  DG  X "C1'" 
115 N  N9    . DG  A 6  ? 0.6734 0.6859 0.4905 0.0032  -0.0245 -0.0168 6  DG  X N9    
116 C  C8    . DG  A 6  ? 0.6696 0.7059 0.5333 -0.0008 -0.0019 -0.0216 6  DG  X C8    
117 N  N7    . DG  A 6  ? 0.6860 0.6869 0.5406 0.0041  -0.0095 -0.0287 6  DG  X N7    
118 C  C5    . DG  A 6  ? 0.6637 0.6748 0.4958 -0.0067 -0.0161 -0.0023 6  DG  X C5    
119 C  C6    . DG  A 6  ? 0.6839 0.6667 0.4848 0.0039  -0.0048 -0.0167 6  DG  X C6    
120 O  O6    . DG  A 6  ? 0.6972 0.7538 0.5526 -0.0298 0.0414  -0.0027 6  DG  X O6    
121 N  N1    . DG  A 6  ? 0.6438 0.6728 0.4615 -0.0137 -0.0137 -0.0036 6  DG  X N1    
122 C  C2    . DG  A 6  ? 0.6439 0.6556 0.4826 -0.0058 -0.0192 -0.0011 6  DG  X C2    
123 N  N2    . DG  A 6  ? 0.6275 0.6623 0.4273 0.0037  -0.0384 0.0267  6  DG  X N2    
124 N  N3    . DG  A 6  ? 0.6698 0.6573 0.5262 -0.0068 -0.0085 -0.0028 6  DG  X N3    
125 C  C4    . DG  A 6  ? 0.6570 0.6789 0.4986 0.0020  0.0010  0.0098  6  DG  X C4    
126 P  P     . DA  A 7  ? 0.7819 0.8249 0.7256 -0.0517 -0.0615 -0.0310 7  DA  X P     
127 O  OP1   . DA  A 7  ? 0.7814 0.8007 0.7566 -0.0966 -0.0721 -0.0132 7  DA  X OP1   
128 O  OP2   . DA  A 7  ? 0.8043 0.7706 0.7524 -0.0603 -0.0688 -0.0476 7  DA  X OP2   
129 O  "O5'" . DA  A 7  ? 0.7788 0.8313 0.7455 -0.0290 -0.0443 -0.0305 7  DA  X "O5'" 
130 C  "C5'" . DA  A 7  ? 0.7817 0.8175 0.7439 -0.0326 -0.0263 -0.0195 7  DA  X "C5'" 
131 C  "C4'" . DA  A 7  ? 0.7582 0.8289 0.7456 -0.0173 -0.0215 0.0020  7  DA  X "C4'" 
132 O  "O4'" . DA  A 7  ? 0.7258 0.8468 0.7240 -0.0055 0.0101  0.0067  7  DA  X "O4'" 
133 C  "C3'" . DA  A 7  ? 0.7437 0.8242 0.7465 -0.0077 -0.0047 -0.0149 7  DA  X "C3'" 
134 O  "O3'" . DA  A 7  ? 0.7699 0.8370 0.7604 -0.0044 0.0071  0.0246  7  DA  X "O3'" 
135 C  "C2'" . DA  A 7  ? 0.7345 0.8039 0.7202 -0.0068 -0.0192 -0.0191 7  DA  X "C2'" 
136 C  "C1'" . DA  A 7  ? 0.6983 0.7873 0.6959 0.0005  -0.0088 -0.0045 7  DA  X "C1'" 
137 N  N9    . DA  A 7  ? 0.6785 0.6904 0.5571 -0.0198 0.0234  -0.0159 7  DA  X N9    
138 C  C8    . DA  A 7  ? 0.6508 0.6977 0.5280 -0.0079 0.0102  0.0000  7  DA  X C8    
139 N  N7    . DA  A 7  ? 0.6553 0.6718 0.5206 -0.0122 0.0234  -0.0173 7  DA  X N7    
140 C  C5    . DA  A 7  ? 0.6445 0.6560 0.4789 -0.0065 0.0300  0.0142  7  DA  X C5    
141 C  C6    . DA  A 7  ? 0.6365 0.6490 0.4122 0.0076  0.0194  0.0170  7  DA  X C6    
142 N  N6    . DA  A 7  ? 0.6315 0.6907 0.4536 0.0231  0.0608  0.0088  7  DA  X N6    
143 N  N1    . DA  A 7  ? 0.6306 0.6463 0.3893 0.0003  -0.0019 0.0166  7  DA  X N1    
144 C  C2    . DA  A 7  ? 0.6177 0.6694 0.4483 0.0002  0.0235  -0.0016 7  DA  X C2    
145 N  N3    . DA  A 7  ? 0.6413 0.6680 0.4912 -0.0396 0.0433  0.0062  7  DA  X N3    
146 C  C4    . DA  A 7  ? 0.6394 0.6764 0.5112 -0.0020 0.0351  0.0053  7  DA  X C4    
147 N  N1    . BRU A 8  ? 0.6003 0.6420 0.4941 -0.0180 0.0532  -0.0106 8  BRU X N1    
148 C  C2    . BRU A 8  ? 0.6014 0.6031 0.4427 0.0187  0.0303  -0.0127 8  BRU X C2    
149 N  N3    . BRU A 8  ? 0.5867 0.5895 0.4130 0.0035  0.0025  0.0338  8  BRU X N3    
150 C  C4    . BRU A 8  ? 0.6095 0.6080 0.4686 -0.0044 0.0047  0.0006  8  BRU X C4    
151 C  C5    . BRU A 8  ? 0.5894 0.6156 0.4947 -0.0018 0.0373  0.0216  8  BRU X C5    
152 C  C6    . BRU A 8  ? 0.5866 0.6232 0.4866 0.0027  0.0512  0.0150  8  BRU X C6    
153 O  O2    . BRU A 8  ? 0.6015 0.6205 0.5245 -0.0016 0.0160  -0.0016 8  BRU X O2    
154 O  O4    . BRU A 8  ? 0.6674 0.6017 0.5315 0.0195  0.0127  -0.0106 8  BRU X O4    
155 BR BR    . BRU A 8  ? 0.6930 0.6779 0.5574 0.0429  0.0111  -0.0450 8  BRU X BR    
156 C  "C1'" . BRU A 8  ? 0.6647 0.6868 0.6171 0.0247  0.0259  -0.0016 8  BRU X "C1'" 
157 C  "C2'" . BRU A 8  ? 0.7009 0.7427 0.6063 0.0116  0.0285  -0.0231 8  BRU X "C2'" 
158 C  "C3'" . BRU A 8  ? 0.7100 0.7427 0.6599 0.0240  0.0158  -0.0274 8  BRU X "C3'" 
159 C  "C4'" . BRU A 8  ? 0.7391 0.7482 0.6700 0.0284  0.0180  -0.0055 8  BRU X "C4'" 
160 O  "O3'" . BRU A 8  ? 0.7423 0.7441 0.6790 0.0383  0.0247  -0.0226 8  BRU X "O3'" 
161 O  "O4'" . BRU A 8  ? 0.7058 0.7430 0.6013 0.0106  0.0452  0.0031  8  BRU X "O4'" 
162 C  "C5'" . BRU A 8  ? 0.7659 0.8025 0.7175 -0.0057 0.0089  0.0098  8  BRU X "C5'" 
163 O  "O5'" . BRU A 8  ? 0.7762 0.8062 0.7625 0.0080  0.0055  0.0010  8  BRU X "O5'" 
164 P  P     . BRU A 8  ? 0.7624 0.8502 0.7650 0.0010  0.0020  0.0251  8  BRU X P     
165 O  OP1   . BRU A 8  ? 0.7870 0.8829 0.7903 0.0251  0.0170  0.0202  8  BRU X OP1   
166 O  OP2   . BRU A 8  ? 0.7689 0.8472 0.7562 0.0006  0.0121  0.0280  8  BRU X OP2   
167 P  P     . DG  A 9  ? 0.7409 0.7644 0.6595 0.0483  0.0099  -0.0560 9  DG  X P     
168 O  OP1   . DG  A 9  ? 0.7998 0.7615 0.6958 0.0490  0.0265  -0.0618 9  DG  X OP1   
169 O  OP2   . DG  A 9  ? 0.7413 0.7278 0.7182 0.0494  0.0151  -0.0532 9  DG  X OP2   
170 O  "O5'" . DG  A 9  ? 0.7467 0.6985 0.5696 0.0368  0.0277  -0.0871 9  DG  X "O5'" 
171 C  "C5'" . DG  A 9  ? 0.7168 0.6516 0.5389 0.0501  0.0326  -0.0544 9  DG  X "C5'" 
172 C  "C4'" . DG  A 9  ? 0.6818 0.6339 0.5930 0.0476  0.0105  -0.0215 9  DG  X "C4'" 
173 O  "O4'" . DG  A 9  ? 0.6791 0.6301 0.5512 0.0427  -0.0035 -0.0264 9  DG  X "O4'" 
174 C  "C3'" . DG  A 9  ? 0.6889 0.6331 0.5944 0.0335  0.0341  -0.0306 9  DG  X "C3'" 
175 O  "O3'" . DG  A 9  ? 0.6794 0.6595 0.6433 0.0499  0.0579  -0.0291 9  DG  X "O3'" 
176 C  "C2'" . DG  A 9  ? 0.6177 0.6047 0.5325 0.0994  0.0531  -0.0149 9  DG  X "C2'" 
177 C  "C1'" . DG  A 9  ? 0.6154 0.5822 0.5430 0.0444  0.0279  -0.0053 9  DG  X "C1'" 
178 N  N9    . DG  A 9  ? 0.5163 0.5755 0.4602 0.0476  0.0353  -0.0112 9  DG  X N9    
179 C  C8    . DG  A 9  ? 0.5467 0.5133 0.4572 0.0616  0.0437  -0.0304 9  DG  X C8    
180 N  N7    . DG  A 9  ? 0.5367 0.5077 0.4469 0.0645  0.0248  -0.0534 9  DG  X N7    
181 C  C5    . DG  A 9  ? 0.5274 0.5115 0.4239 0.0369  0.0418  -0.0229 9  DG  X C5    
182 C  C6    . DG  A 9  ? 0.5248 0.5070 0.4356 0.0242  0.0204  -0.0094 9  DG  X C6    
183 O  O6    . DG  A 9  ? 0.5285 0.5124 0.4868 0.0398  0.0327  0.0408  9  DG  X O6    
184 N  N1    . DG  A 9  ? 0.5060 0.4938 0.3982 0.0448  0.0376  -0.0030 9  DG  X N1    
185 C  C2    . DG  A 9  ? 0.4570 0.5030 0.3207 0.0130  0.0301  -0.0021 9  DG  X C2    
186 N  N2    . DG  A 9  ? 0.4053 0.4651 0.3185 0.0735  0.0305  -0.0004 9  DG  X N2    
187 N  N3    . DG  A 9  ? 0.5095 0.5242 0.3341 0.0407  0.0418  0.0137  9  DG  X N3    
188 C  C4    . DG  A 9  ? 0.5118 0.5173 0.4180 0.0301  0.0551  -0.0046 9  DG  X C4    
189 P  P     . DG  A 10 ? 0.7189 0.7004 0.6559 0.0499  0.0378  0.0103  10 DG  X P     
190 O  OP1   . DG  A 10 ? 0.7563 0.6706 0.7281 0.0539  0.0027  -0.0258 10 DG  X OP1   
191 O  OP2   . DG  A 10 ? 0.7239 0.7127 0.6982 0.0203  0.0042  0.0329  10 DG  X OP2   
192 O  "O5'" . DG  A 10 ? 0.6974 0.5947 0.6032 0.0285  -0.0140 0.0050  10 DG  X "O5'" 
193 C  "C5'" . DG  A 10 ? 0.6598 0.5459 0.5355 0.0289  0.0251  0.0112  10 DG  X "C5'" 
194 C  "C4'" . DG  A 10 ? 0.6262 0.5144 0.5056 0.0153  -0.0166 -0.0056 10 DG  X "C4'" 
195 O  "O4'" . DG  A 10 ? 0.5883 0.5073 0.4394 0.0226  -0.0347 -0.0350 10 DG  X "O4'" 
196 C  "C3'" . DG  A 10 ? 0.5995 0.4973 0.5133 0.0248  -0.0125 -0.0106 10 DG  X "C3'" 
197 O  "O3'" . DG  A 10 ? 0.5976 0.4704 0.5537 0.0610  -0.0174 -0.0188 10 DG  X "O3'" 
198 C  "C2'" . DG  A 10 ? 0.5865 0.4927 0.4792 0.0496  -0.0064 -0.0254 10 DG  X "C2'" 
199 C  "C1'" . DG  A 10 ? 0.5271 0.4609 0.4629 0.0188  0.0059  -0.0316 10 DG  X "C1'" 
200 N  N9    . DG  A 10 ? 0.4669 0.4570 0.4502 0.0384  0.0116  -0.0526 10 DG  X N9    
201 C  C8    . DG  A 10 ? 0.4445 0.4137 0.3669 0.0563  0.0210  -0.0867 10 DG  X C8    
202 N  N7    . DG  A 10 ? 0.3816 0.4395 0.3667 0.0197  0.0004  -0.0849 10 DG  X N7    
203 C  C5    . DG  A 10 ? 0.4583 0.4192 0.4111 0.0376  0.0214  -0.0116 10 DG  X C5    
204 C  C6    . DG  A 10 ? 0.4666 0.4188 0.4008 0.0269  0.0230  -0.0070 10 DG  X C6    
205 O  O6    . DG  A 10 ? 0.4832 0.3584 0.3928 0.0531  0.0530  0.0112  10 DG  X O6    
206 N  N1    . DG  A 10 ? 0.4683 0.4218 0.3608 0.0288  0.0180  -0.0155 10 DG  X N1    
207 C  C2    . DG  A 10 ? 0.4936 0.4465 0.4042 0.0091  0.0129  -0.0065 10 DG  X C2    
208 N  N2    . DG  A 10 ? 0.5174 0.4823 0.4621 0.0202  -0.0265 -0.0033 10 DG  X N2    
210 C  C4    . DG  A 10 ? 0.4712 0.4524 0.4170 0.0189  -0.0018 -0.0374 10 DG  X C4    
211 P  P     . DG  A 11 ? 0.6088 0.4864 0.5616 0.0457  -0.0043 -0.0353 11 DG  X P     
212 O  OP1   . DG  A 11 ? 0.6078 0.5137 0.5835 0.0455  -0.0093 -0.0520 11 DG  X OP1   
213 O  OP2   . DG  A 11 ? 0.5889 0.4605 0.5467 0.0579  0.0213  -0.0411 11 DG  X OP2   
214 O  "O5'" . DG  A 11 ? 0.5721 0.5028 0.5130 0.0730  -0.0288 -0.0292 11 DG  X "O5'" 
215 C  "C5'" . DG  A 11 ? 0.5227 0.4835 0.4523 0.0482  -0.0112 -0.0336 11 DG  X "C5'" 
216 C  "C4'" . DG  A 11 ? 0.4550 0.4447 0.4318 0.0352  0.0065  0.0005  11 DG  X "C4'" 
217 O  "O4'" . DG  A 11 ? 0.4235 0.4374 0.3971 0.0850  -0.0210 -0.0005 11 DG  X "O4'" 
218 C  "C3'" . DG  A 11 ? 0.4464 0.4598 0.4180 0.0387  -0.0214 -0.0261 11 DG  X "C3'" 
219 O  "O3'" . DG  A 11 ? 0.4359 0.4959 0.4216 0.0491  0.0029  -0.0426 11 DG  X "O3'" 
220 C  "C2'" . DG  A 11 ? 0.4168 0.4007 0.3790 0.0583  0.0079  -0.0264 11 DG  X "C2'" 
221 C  "C1'" . DG  A 11 ? 0.4165 0.4085 0.3710 0.0783  0.0065  -0.0011 11 DG  X "C1'" 
222 N  N9    . DG  A 11 ? 0.4019 0.4154 0.3436 0.0448  0.0029  0.0087  11 DG  X N9    
223 C  C8    . DG  A 11 ? 0.3971 0.4151 0.3261 0.0477  0.0047  0.0127  11 DG  X C8    
224 N  N7    . DG  A 11 ? 0.4118 0.4259 0.3663 0.0580  0.0241  0.0020  11 DG  X N7    
225 C  C5    . DG  A 11 ? 0.4392 0.4158 0.3722 0.0590  -0.0106 0.0003  11 DG  X C5    
226 C  C6    . DG  A 11 ? 0.4427 0.4499 0.3542 0.0570  0.0085  -0.0162 11 DG  X C6    
227 O  O6    . DG  A 11 ? 0.4693 0.5042 0.4466 0.0972  0.0591  -0.0204 11 DG  X O6    
228 N  N1    . DG  A 11 ? 0.4127 0.4486 0.3250 0.0625  0.0455  -0.0245 11 DG  X N1    
229 C  C2    . DG  A 11 ? 0.4182 0.4253 0.4113 0.0418  -0.0038 -0.0159 11 DG  X C2    
230 N  N2    . DG  A 11 ? 0.4091 0.4546 0.4345 0.0482  0.0083  0.0209  11 DG  X N2    
231 N  N3    . DG  A 11 ? 0.3981 0.4326 0.4050 0.0581  -0.0275 -0.0064 11 DG  X N3    
232 C  C4    . DG  A 11 ? 0.4045 0.4350 0.3904 0.0415  0.0058  0.0023  11 DG  X C4    
233 P  P     . DA  A 12 ? 0.3939 0.5144 0.4439 0.0463  -0.0002 -0.0326 12 DA  X P     
234 O  OP1   . DA  A 12 ? 0.4118 0.5467 0.4143 0.0096  0.0021  -0.0142 12 DA  X OP1   
235 O  OP2   . DA  A 12 ? 0.4216 0.4940 0.4255 0.0210  0.0167  -0.0160 12 DA  X OP2   
236 O  "O5'" . DA  A 12 ? 0.4518 0.5388 0.4514 0.0512  0.0128  0.0052  12 DA  X "O5'" 
237 C  "C5'" . DA  A 12 ? 0.4745 0.5473 0.4773 0.0523  -0.0158 -0.0001 12 DA  X "C5'" 
238 C  "C4'" . DA  A 12 ? 0.4291 0.5445 0.4880 0.0370  -0.0186 0.0135  12 DA  X "C4'" 
239 O  "O4'" . DA  A 12 ? 0.4003 0.5215 0.4328 0.0585  -0.0526 -0.0052 12 DA  X "O4'" 
240 C  "C3'" . DA  A 12 ? 0.4160 0.5331 0.5444 0.0445  -0.0295 -0.0111 12 DA  X "C3'" 
241 O  "O3'" . DA  A 12 ? 0.4716 0.6336 0.6187 0.0766  -0.0770 0.0202  12 DA  X "O3'" 
242 C  "C2'" . DA  A 12 ? 0.3563 0.5044 0.4859 0.0911  -0.0333 0.0462  12 DA  X "C2'" 
243 C  "C1'" . DA  A 12 ? 0.3708 0.5027 0.4620 0.0627  -0.0372 0.0018  12 DA  X "C1'" 
244 N  N9    . DA  A 12 ? 0.3453 0.4349 0.4465 0.0514  0.0039  0.0206  12 DA  X N9    
245 C  C8    . DA  A 12 ? 0.3111 0.4044 0.3915 0.0570  0.0268  -0.0045 12 DA  X C8    
246 N  N7    . DA  A 12 ? 0.2934 0.3971 0.3709 0.0624  0.0564  -0.0036 12 DA  X N7    
247 C  C5    . DA  A 12 ? 0.3072 0.3968 0.3424 0.0905  0.0196  0.0013  12 DA  X C5    
248 C  C6    . DA  A 12 ? 0.3434 0.4217 0.3358 0.0762  -0.0199 -0.0056 12 DA  X C6    
249 N  N6    . DA  A 12 ? 0.3685 0.4511 0.3928 0.1180  -0.0251 0.0367  12 DA  X N6    
250 N  N1    . DA  A 12 ? 0.3366 0.4482 0.3799 0.1062  -0.0613 0.0288  12 DA  X N1    
251 C  C2    . DA  A 12 ? 0.2984 0.4553 0.4187 0.0596  -0.0405 -0.0080 12 DA  X C2    
252 N  N3    . DA  A 12 ? 0.2578 0.4317 0.4048 0.0719  -0.0385 0.0313  12 DA  X N3    
253 C  C4    . DA  A 12 ? 0.3075 0.4288 0.3944 0.0712  -0.0098 -0.0009 12 DA  X C4    
254 P  P     . DG  A 13 ? 0.5011 0.7223 0.7097 0.1128  -0.1391 0.0183  13 DG  X P     
255 O  OP1   . DG  A 13 ? 0.5479 0.7171 0.6909 0.1264  -0.1340 0.0216  13 DG  X OP1   
256 O  OP2   . DG  A 13 ? 0.4356 0.7500 0.7225 0.1037  -0.1924 0.0003  13 DG  X OP2   
257 O  "O5'" . DG  A 13 ? 0.4768 0.7074 0.7718 0.1739  -0.0507 0.0134  13 DG  X "O5'" 
258 MG MG    . MG  B .  ? 0.6743 0.7511 0.6712 0.0390  -0.0384 0.0119  51 MG  X MG    
259 O  O     . HOH C .  ? 0.4549 0.4338 0.5218 0.1178  -0.0996 -0.0660 52 HOH X O     
260 O  O     . HOH C .  ? 0.4331 0.5459 0.4867 0.1381  0.0139  -0.0376 53 HOH X O     
261 O  O     . HOH C .  ? 0.4418 0.3205 0.4309 0.0541  -0.1420 -0.0772 54 HOH X O     
262 O  O     . HOH C .  ? 0.4675 0.3676 0.3734 0.1358  -0.0566 -0.0415 55 HOH X O     
263 O  O     . HOH C .  ? 0.5417 0.6868 0.5327 0.0133  0.0087  -0.0594 56 HOH X O     
264 O  O     . HOH C .  ? 0.5519 0.4144 0.3019 0.1623  -0.0317 0.0225  57 HOH X O     
265 O  O     . HOH C .  ? 0.6652 0.5718 0.4856 0.1025  -0.0029 -0.0986 58 HOH X O     
266 O  O     . HOH C .  ? 0.3182 0.4301 0.4733 0.0596  -0.1168 0.1039  59 HOH X O     
267 O  O     . HOH C .  ? 0.4171 0.5520 0.6432 0.0833  -0.1498 0.0451  60 HOH X O     
268 O  O     . HOH C .  ? 0.6473 0.4299 0.5050 0.0886  -0.0736 0.0241  61 HOH X O     
269 O  O     . HOH C .  ? 0.6584 0.5869 0.5047 0.0637  -0.0358 0.0899  62 HOH X O     
270 O  O     . HOH C .  ? 0.5850 0.6319 0.7245 0.0178  -0.0087 0.0675  63 HOH X O     
271 O  O     . HOH C .  ? 0.4137 0.6883 0.6186 0.1531  -0.1916 0.0687  64 HOH X O     
272 O  O     . HOH C .  ? 0.4241 0.6090 0.6468 0.1428  -0.1446 0.0205  65 HOH X O     
273 O  O     . HOH C .  ? 0.5386 0.5027 0.6676 0.0703  0.0807  -0.0484 66 HOH X O     
274 O  O     . HOH C .  ? 0.6385 0.7312 0.6525 0.1288  0.0038  0.0018  67 HOH X O     
275 O  O     . HOH C .  ? 0.6395 0.6736 0.5532 0.1069  0.0061  0.0463  68 HOH X O     
276 O  O     . HOH C .  ? 0.6298 0.6680 0.4387 0.1156  0.0979  0.0693  69 HOH X O     
277 O  O     . HOH C .  ? 0.5108 0.5008 0.6957 -0.0103 -0.1352 0.0027  70 HOH X O     
278 O  O     . HOH C .  ? 0.5855 0.6294 0.6501 0.0795  0.0034  0.0466  71 HOH X O     
279 O  O     . HOH C .  ? 0.7055 0.7896 0.6413 0.0396  -0.0145 0.0285  72 HOH X O     
280 O  O     . HOH C .  ? 0.6298 0.7393 0.6596 0.0596  0.0001  0.0106  73 HOH X O     
281 O  O     . HOH C .  ? 0.6504 0.6912 0.5351 0.0152  -0.0838 0.0056  74 HOH X O     
# 
